data_3KG7
#
_entry.id   3KG7
#
_cell.length_a   82.163
_cell.length_b   74.447
_cell.length_c   103.482
_cell.angle_alpha   90.00
_cell.angle_beta   108.84
_cell.angle_gamma   90.00
#
_symmetry.space_group_name_H-M   'P 1 21 1'
#
loop_
_entity.id
_entity.type
_entity.pdbx_description
1 polymer CurH
2 water water
#
_entity_poly.entity_id   1
_entity_poly.type   'polypeptide(L)'
_entity_poly.pdbx_seq_one_letter_code
;SNASGQQVHRLLGNKLELASTGQTIYHQDINLNNHPWIGDHRVYDTPVIPGVSYIA(MSE)TLAAVGVPAAVEDINFQQP
LFLAESNTTRETQL(MSE)LHTADNVGKQFVEVFSRDGAKQEEWQQHAS(MSE)SVSENPPPPPTLSVDIPALCEQLRPL
DTDTLTEIYASISLVYGP(MSE)LQAVRQAWIGEETSLLEIEVPKALAFQLAGEPIHPVLIDACTRLTPDLFDFSSDSGV
FWAPWRVKE(MSE)TLSHPTPSRFYAYVEEPSRVNEQLQTRSYDIQLLDETGQAFGRINGFTVKRAPSQLFLK
;
_entity_poly.pdbx_strand_id   A,B,C,D
#
# COMPACT_ATOMS: atom_id res chain seq x y z
N VAL A 8 -0.96 17.34 29.31
CA VAL A 8 -0.03 18.49 29.07
C VAL A 8 1.20 18.39 29.97
N HIS A 9 2.35 18.12 29.36
CA HIS A 9 3.65 18.19 30.02
C HIS A 9 3.97 19.65 30.40
N ARG A 10 4.36 19.87 31.65
CA ARG A 10 4.65 21.24 32.11
C ARG A 10 5.70 21.97 31.26
N LEU A 11 6.70 21.24 30.78
CA LEU A 11 7.80 21.82 30.01
C LEU A 11 7.46 21.97 28.51
N LEU A 12 6.92 20.91 27.91
CA LEU A 12 6.72 20.89 26.46
C LEU A 12 5.37 21.39 26.01
N GLY A 13 4.37 21.27 26.88
CA GLY A 13 3.00 21.57 26.52
C GLY A 13 2.33 20.38 25.86
N ASN A 14 1.51 20.66 24.84
CA ASN A 14 0.70 19.64 24.17
C ASN A 14 1.40 19.05 22.98
N LYS A 15 1.37 17.73 22.89
CA LYS A 15 1.99 16.99 21.78
C LYS A 15 0.98 16.74 20.68
N LEU A 16 1.33 17.10 19.47
CA LEU A 16 0.53 16.75 18.31
C LEU A 16 1.41 16.09 17.29
N GLU A 17 0.99 14.91 16.85
CA GLU A 17 1.68 14.18 15.80
C GLU A 17 1.00 14.45 14.47
N LEU A 18 1.77 14.93 13.51
CA LEU A 18 1.22 15.26 12.18
C LEU A 18 1.04 14.02 11.34
N ALA A 19 -0.19 13.83 10.89
CA ALA A 19 -0.57 12.69 10.07
C ALA A 19 0.22 12.66 8.79
N SER A 20 0.33 13.84 8.18
CA SER A 20 0.81 13.96 6.81
C SER A 20 2.31 13.76 6.66
N THR A 21 3.08 14.27 7.61
CA THR A 21 4.54 14.30 7.47
C THR A 21 5.31 13.41 8.44
N GLY A 22 4.66 13.02 9.55
CA GLY A 22 5.35 12.33 10.63
C GLY A 22 6.18 13.29 11.48
N GLN A 23 5.81 14.56 11.49
CA GLN A 23 6.44 15.53 12.38
C GLN A 23 5.69 15.61 13.70
N THR A 24 6.34 16.20 14.70
CA THR A 24 5.70 16.39 15.99
C THR A 24 5.82 17.85 16.42
N ILE A 25 4.69 18.41 16.83
CA ILE A 25 4.62 19.77 17.33
C ILE A 25 4.29 19.76 18.81
N TYR A 26 5.08 20.47 19.60
CA TYR A 26 4.75 20.72 20.99
C TYR A 26 4.36 22.16 21.11
N HIS A 27 3.12 22.41 21.50
CA HIS A 27 2.63 23.78 21.60
C HIS A 27 2.05 24.12 22.96
N GLN A 28 2.38 25.31 23.43
CA GLN A 28 1.94 25.78 24.73
C GLN A 28 1.89 27.31 24.77
N ASP A 29 1.20 27.83 25.77
CA ASP A 29 1.24 29.26 26.05
C ASP A 29 2.27 29.52 27.12
N ILE A 30 3.34 30.24 26.79
CA ILE A 30 4.35 30.62 27.77
C ILE A 30 3.98 31.96 28.41
N ASN A 31 3.88 31.95 29.74
CA ASN A 31 3.71 33.15 30.54
C ASN A 31 4.19 32.93 31.97
N LEU A 32 4.16 33.99 32.80
CA LEU A 32 4.62 33.88 34.18
C LEU A 32 3.74 32.99 35.02
N ASN A 33 2.52 32.74 34.54
CA ASN A 33 1.59 31.86 35.23
C ASN A 33 1.97 30.39 35.02
N ASN A 34 2.21 30.01 33.77
CA ASN A 34 2.62 28.65 33.45
C ASN A 34 4.06 28.38 33.87
N HIS A 35 4.94 29.36 33.66
CA HIS A 35 6.36 29.20 33.92
C HIS A 35 6.89 30.35 34.76
N PRO A 36 6.54 30.36 36.06
CA PRO A 36 6.98 31.43 36.96
C PRO A 36 8.50 31.62 37.03
N TRP A 37 9.27 30.58 36.72
CA TRP A 37 10.72 30.66 36.82
C TRP A 37 11.35 31.68 35.86
N ILE A 38 10.68 31.92 34.73
CA ILE A 38 11.19 32.87 33.75
C ILE A 38 11.34 34.24 34.38
N GLY A 39 10.40 34.58 35.27
CA GLY A 39 10.43 35.85 35.98
C GLY A 39 11.64 36.01 36.86
N ASP A 40 12.33 34.91 37.15
CA ASP A 40 13.55 34.95 37.95
C ASP A 40 14.85 34.84 37.12
N HIS A 41 14.71 34.81 35.80
CA HIS A 41 15.86 34.96 34.91
C HIS A 41 15.75 36.30 34.18
N ARG A 42 16.23 37.38 34.81
CA ARG A 42 16.04 38.71 34.26
C ARG A 42 17.31 39.30 33.62
N VAL A 43 17.21 39.58 32.33
CA VAL A 43 18.23 40.33 31.60
C VAL A 43 17.66 41.73 31.29
N TYR A 44 18.41 42.78 31.60
CA TYR A 44 17.91 44.17 31.52
C TYR A 44 16.56 44.30 32.22
N ASP A 45 16.46 43.70 33.40
CA ASP A 45 15.23 43.69 34.20
C ASP A 45 14.00 43.19 33.43
N THR A 46 14.24 42.33 32.45
CA THR A 46 13.17 41.73 31.65
C THR A 46 13.23 40.20 31.79
N PRO A 47 12.11 39.56 32.15
CA PRO A 47 12.07 38.11 32.12
C PRO A 47 12.33 37.57 30.72
N VAL A 48 13.43 36.82 30.59
CA VAL A 48 13.83 36.24 29.32
C VAL A 48 14.15 34.75 29.47
N ILE A 49 13.82 33.94 28.46
CA ILE A 49 14.15 32.52 28.45
C ILE A 49 15.59 32.31 27.96
N PRO A 50 16.46 31.74 28.81
CA PRO A 50 17.83 31.43 28.37
C PRO A 50 17.80 30.44 27.22
N GLY A 51 18.69 30.65 26.25
CA GLY A 51 18.77 29.78 25.07
C GLY A 51 18.79 28.30 25.35
N VAL A 52 19.61 27.89 26.31
CA VAL A 52 19.79 26.45 26.64
C VAL A 52 18.48 25.73 27.02
N SER A 53 17.44 26.51 27.33
CA SER A 53 16.11 25.98 27.64
C SER A 53 15.59 25.10 26.51
N TYR A 54 15.84 25.53 25.27
CA TYR A 54 15.34 24.81 24.12
C TYR A 54 16.07 23.52 23.90
N ILE A 55 17.30 23.42 24.41
CA ILE A 55 18.00 22.15 24.42
C ILE A 55 17.30 21.24 25.42
N ALA A 56 17.04 21.76 26.62
CA ALA A 56 16.29 21.01 27.63
C ALA A 56 14.94 20.51 27.09
N MSE A 57 14.22 21.36 26.39
CA MSE A 57 12.95 20.98 25.76
C MSE A 57 13.10 19.83 24.78
O MSE A 57 12.35 18.85 24.83
CB MSE A 57 12.29 22.18 25.07
CG MSE A 57 11.48 23.06 26.02
SE MSE A 57 10.85 24.76 25.23
CE MSE A 57 9.22 24.16 24.31
N THR A 58 14.09 19.97 23.89
CA THR A 58 14.37 18.96 22.89
C THR A 58 14.74 17.62 23.55
N LEU A 59 15.59 17.70 24.56
CA LEU A 59 15.97 16.52 25.34
C LEU A 59 14.77 15.82 25.98
N ALA A 60 13.77 16.63 26.34
CA ALA A 60 12.56 16.10 26.96
C ALA A 60 11.67 15.45 25.91
N ALA A 61 11.74 15.95 24.68
CA ALA A 61 10.91 15.42 23.61
C ALA A 61 11.39 14.06 23.12
N VAL A 62 12.70 13.88 23.00
CA VAL A 62 13.28 12.66 22.43
C VAL A 62 13.79 11.66 23.47
N GLY A 63 14.06 12.15 24.68
CA GLY A 63 14.58 11.32 25.76
C GLY A 63 16.09 11.17 25.73
N VAL A 64 16.66 10.81 26.87
CA VAL A 64 18.08 10.53 26.99
C VAL A 64 18.34 9.01 27.11
N PRO A 65 19.54 8.53 26.74
CA PRO A 65 20.69 9.25 26.16
C PRO A 65 20.39 9.91 24.81
N ALA A 66 20.97 11.08 24.61
CA ALA A 66 20.78 11.83 23.38
C ALA A 66 21.91 12.83 23.17
N ALA A 67 22.13 13.17 21.90
CA ALA A 67 23.07 14.22 21.53
C ALA A 67 22.36 15.26 20.67
N VAL A 68 22.67 16.52 20.91
CA VAL A 68 22.08 17.61 20.14
C VAL A 68 23.21 18.40 19.53
N GLU A 69 23.14 18.64 18.22
CA GLU A 69 24.23 19.33 17.52
C GLU A 69 23.75 20.53 16.69
N ASP A 70 24.70 21.38 16.32
CA ASP A 70 24.44 22.62 15.55
C ASP A 70 23.28 23.45 16.11
N ILE A 71 23.44 23.84 17.37
CA ILE A 71 22.43 24.61 18.11
C ILE A 71 22.64 26.10 17.86
N ASN A 72 21.58 26.78 17.45
CA ASN A 72 21.63 28.22 17.23
C ASN A 72 20.51 28.96 17.94
N PHE A 73 20.84 30.09 18.53
CA PHE A 73 19.86 30.94 19.18
C PHE A 73 19.69 32.22 18.38
N GLN A 74 18.45 32.54 18.02
CA GLN A 74 18.14 33.78 17.30
C GLN A 74 17.64 34.82 18.31
N GLN A 75 16.51 35.46 18.03
CA GLN A 75 15.91 36.41 18.97
C GLN A 75 15.43 35.69 20.23
N PRO A 76 15.63 36.32 21.39
CA PRO A 76 15.13 35.74 22.65
C PRO A 76 13.61 35.84 22.80
N LEU A 77 13.04 34.90 23.54
CA LEU A 77 11.67 34.98 23.96
C LEU A 77 11.64 35.72 25.29
N PHE A 78 11.12 36.94 25.26
CA PHE A 78 11.02 37.74 26.48
C PHE A 78 9.57 38.09 26.79
N LEU A 79 9.30 38.30 28.08
CA LEU A 79 7.97 38.70 28.53
C LEU A 79 8.03 40.15 29.01
N ALA A 80 7.63 41.07 28.12
CA ALA A 80 7.70 42.51 28.39
C ALA A 80 6.89 42.89 29.62
N GLU A 81 5.59 42.59 29.59
CA GLU A 81 4.70 42.89 30.70
C GLU A 81 4.45 41.65 31.54
N SER A 82 3.97 41.87 32.76
CA SER A 82 3.67 40.81 33.73
C SER A 82 2.65 39.80 33.22
N ASN A 83 1.81 40.23 32.28
CA ASN A 83 0.73 39.39 31.76
C ASN A 83 0.96 38.93 30.31
N THR A 84 2.14 39.24 29.76
CA THR A 84 2.49 38.82 28.41
C THR A 84 2.39 37.32 28.26
N THR A 85 1.71 36.87 27.20
CA THR A 85 1.69 35.46 26.85
C THR A 85 2.20 35.30 25.44
N ARG A 86 3.13 34.39 25.25
CA ARG A 86 3.55 34.06 23.90
C ARG A 86 3.20 32.62 23.58
N GLU A 87 2.42 32.42 22.51
CA GLU A 87 2.14 31.07 22.04
C GLU A 87 3.38 30.52 21.37
N THR A 88 3.87 29.42 21.91
CA THR A 88 5.16 28.85 21.52
C THR A 88 5.00 27.48 20.85
N GLN A 89 5.83 27.22 19.85
CA GLN A 89 5.82 25.93 19.16
C GLN A 89 7.22 25.39 19.00
N LEU A 90 7.45 24.17 19.46
CA LEU A 90 8.69 23.43 19.18
C LEU A 90 8.35 22.40 18.14
N MSE A 91 9.01 22.47 16.99
CA MSE A 91 8.74 21.58 15.87
C MSE A 91 9.85 20.54 15.72
O MSE A 91 11.01 20.88 15.45
CB MSE A 91 8.52 22.41 14.59
CG MSE A 91 8.54 21.63 13.30
SE MSE A 91 6.80 20.95 12.72
CE MSE A 91 6.10 22.55 11.85
N LEU A 92 9.50 19.27 15.92
CA LEU A 92 10.43 18.17 15.76
C LEU A 92 10.21 17.50 14.40
N HIS A 93 11.16 17.73 13.49
CA HIS A 93 11.03 17.26 12.12
C HIS A 93 11.18 15.76 12.03
N THR A 94 10.59 15.18 11.01
CA THR A 94 10.73 13.76 10.78
C THR A 94 12.17 13.48 10.36
N ALA A 95 12.72 12.36 10.84
CA ALA A 95 14.13 12.04 10.62
C ALA A 95 14.46 11.95 9.14
N ASP A 96 15.63 12.48 8.77
CA ASP A 96 16.06 12.49 7.37
C ASP A 96 16.81 11.21 6.97
N ASN A 97 17.41 11.23 5.78
CA ASN A 97 18.24 10.13 5.26
C ASN A 97 19.33 9.68 6.23
N VAL A 98 20.04 10.66 6.79
CA VAL A 98 21.10 10.41 7.77
C VAL A 98 20.50 10.05 9.14
N GLY A 99 19.18 10.22 9.27
CA GLY A 99 18.48 9.86 10.50
C GLY A 99 18.50 10.92 11.58
N LYS A 100 18.94 12.13 11.22
CA LYS A 100 18.91 13.27 12.12
C LYS A 100 17.55 13.97 12.07
N GLN A 101 17.15 14.54 13.20
CA GLN A 101 15.89 15.22 13.33
C GLN A 101 16.14 16.70 13.55
N PHE A 102 15.65 17.53 12.64
CA PHE A 102 15.77 18.96 12.80
C PHE A 102 14.72 19.47 13.79
N VAL A 103 15.11 20.46 14.60
CA VAL A 103 14.24 21.06 15.62
C VAL A 103 14.24 22.58 15.49
N GLU A 104 13.06 23.18 15.55
CA GLU A 104 12.90 24.65 15.55
C GLU A 104 11.97 25.09 16.65
N VAL A 105 12.28 26.21 17.29
CA VAL A 105 11.37 26.82 18.25
C VAL A 105 10.96 28.22 17.79
N PHE A 106 9.65 28.42 17.67
CA PHE A 106 9.05 29.72 17.31
C PHE A 106 8.06 30.15 18.37
N SER A 107 7.87 31.47 18.51
CA SER A 107 6.71 32.00 19.21
C SER A 107 6.17 33.26 18.55
N ARG A 108 4.96 33.64 18.94
CA ARG A 108 4.38 34.94 18.62
C ARG A 108 3.52 35.38 19.79
N ASP A 109 3.24 36.69 19.86
CA ASP A 109 2.41 37.24 20.90
C ASP A 109 1.01 36.64 20.84
N GLY A 110 0.50 36.23 22.00
CA GLY A 110 -0.85 35.69 22.12
C GLY A 110 -1.92 36.71 21.77
N ALA A 111 -1.73 37.94 22.25
CA ALA A 111 -2.69 39.02 22.02
C ALA A 111 -2.64 39.58 20.59
N LYS A 112 -1.54 40.24 20.26
CA LYS A 112 -1.40 41.00 18.99
C LYS A 112 -1.42 40.16 17.70
N GLN A 113 -1.31 38.84 17.83
CA GLN A 113 -1.20 37.93 16.68
C GLN A 113 -0.22 38.48 15.64
N GLU A 114 0.97 38.87 16.14
CA GLU A 114 2.07 39.34 15.30
C GLU A 114 2.61 38.20 14.44
N GLU A 115 3.69 38.45 13.73
CA GLU A 115 4.39 37.41 12.97
C GLU A 115 5.25 36.52 13.87
N TRP A 116 5.38 35.25 13.49
CA TRP A 116 6.17 34.29 14.25
C TRP A 116 7.65 34.67 14.26
N GLN A 117 8.25 34.59 15.42
CA GLN A 117 9.67 34.85 15.62
C GLN A 117 10.36 33.56 16.02
N GLN A 118 11.52 33.30 15.42
CA GLN A 118 12.30 32.10 15.77
C GLN A 118 13.24 32.36 16.92
N HIS A 119 13.38 31.38 17.80
CA HIS A 119 14.22 31.51 18.98
C HIS A 119 15.38 30.54 18.96
N ALA A 120 15.19 29.41 18.30
CA ALA A 120 16.23 28.38 18.26
C ALA A 120 16.08 27.41 17.11
N SER A 121 17.21 26.84 16.70
CA SER A 121 17.21 25.68 15.81
C SER A 121 18.34 24.74 16.24
N MSE A 122 18.18 23.46 15.96
CA MSE A 122 19.19 22.45 16.28
C MSE A 122 18.87 21.11 15.62
O MSE A 122 17.77 20.93 15.07
CB MSE A 122 19.33 22.26 17.80
CG MSE A 122 18.09 21.69 18.49
SE MSE A 122 17.97 22.18 20.37
CE MSE A 122 17.27 24.00 20.19
N SER A 123 19.81 20.19 15.71
CA SER A 123 19.61 18.84 15.19
C SER A 123 19.82 17.84 16.30
N VAL A 124 18.91 16.88 16.39
CA VAL A 124 19.12 15.72 17.23
C VAL A 124 19.96 14.73 16.45
N SER A 125 21.11 14.37 17.02
CA SER A 125 22.03 13.45 16.37
C SER A 125 21.42 12.08 16.14
N GLU A 126 21.85 11.43 15.06
CA GLU A 126 21.33 10.11 14.67
C GLU A 126 21.62 9.08 15.74
N ASN A 127 22.76 9.22 16.41
CA ASN A 127 23.14 8.28 17.46
C ASN A 127 23.59 8.94 18.77
N PRO A 128 23.02 8.48 19.90
CA PRO A 128 23.26 8.98 21.24
C PRO A 128 24.69 8.77 21.72
N PRO A 129 25.12 9.51 22.76
CA PRO A 129 26.46 9.31 23.32
C PRO A 129 26.66 7.94 23.95
N PRO A 130 27.90 7.41 23.90
CA PRO A 130 28.24 6.14 24.53
C PRO A 130 28.14 6.25 26.05
N PRO A 131 27.79 5.14 26.73
CA PRO A 131 27.71 5.15 28.20
C PRO A 131 28.97 5.71 28.85
N PRO A 132 28.82 6.74 29.71
CA PRO A 132 29.94 7.41 30.35
C PRO A 132 30.90 6.40 30.99
N THR A 133 32.20 6.60 30.78
CA THR A 133 33.24 5.78 31.41
C THR A 133 34.19 6.61 32.30
N LEU A 134 34.45 7.84 31.89
CA LEU A 134 35.41 8.71 32.57
C LEU A 134 34.84 9.33 33.84
N SER A 135 35.71 9.56 34.81
CA SER A 135 35.27 10.00 36.13
C SER A 135 36.34 10.88 36.82
N VAL A 136 35.88 11.79 37.67
CA VAL A 136 36.76 12.74 38.38
C VAL A 136 36.64 12.57 39.90
N ASP A 137 37.71 12.82 40.63
CA ASP A 137 37.65 12.87 42.09
C ASP A 137 37.36 14.30 42.58
N ILE A 138 36.11 14.52 42.97
CA ILE A 138 35.63 15.87 43.31
C ILE A 138 36.38 16.50 44.49
N PRO A 139 36.51 15.77 45.62
CA PRO A 139 37.22 16.35 46.78
C PRO A 139 38.68 16.65 46.47
N ALA A 140 39.31 15.80 45.66
CA ALA A 140 40.71 15.98 45.29
C ALA A 140 40.86 17.17 44.36
N LEU A 141 39.83 17.40 43.54
CA LEU A 141 39.78 18.57 42.69
C LEU A 141 39.55 19.83 43.53
N CYS A 142 38.68 19.70 44.53
CA CYS A 142 38.40 20.80 45.45
C CYS A 142 39.56 21.13 46.40
N GLU A 143 40.42 20.14 46.67
CA GLU A 143 41.60 20.37 47.51
C GLU A 143 42.67 21.19 46.81
N GLN A 144 42.57 21.35 45.48
CA GLN A 144 43.53 22.16 44.72
C GLN A 144 42.86 23.28 43.92
N LEU A 145 41.67 23.68 44.36
CA LEU A 145 40.96 24.81 43.79
C LEU A 145 40.58 25.79 44.90
N ARG A 146 40.58 27.06 44.55
CA ARG A 146 40.24 28.14 45.45
C ARG A 146 38.72 28.29 45.49
N PRO A 147 38.10 28.12 46.68
CA PRO A 147 36.66 28.37 46.80
C PRO A 147 36.35 29.83 46.51
N LEU A 148 35.14 30.07 46.02
CA LEU A 148 34.72 31.39 45.56
C LEU A 148 33.40 31.77 46.22
N ASP A 149 33.31 33.00 46.72
CA ASP A 149 32.07 33.48 47.35
C ASP A 149 31.02 33.83 46.30
N THR A 150 29.76 33.51 46.59
CA THR A 150 28.69 33.63 45.61
C THR A 150 28.34 35.10 45.30
N ASP A 151 28.45 35.96 46.31
CA ASP A 151 28.27 37.41 46.15
C ASP A 151 29.14 37.98 45.04
N THR A 152 30.39 37.51 45.00
CA THR A 152 31.37 37.95 44.00
C THR A 152 30.86 37.67 42.59
N LEU A 153 30.23 36.53 42.42
CA LEU A 153 29.66 36.13 41.14
C LEU A 153 28.40 36.91 40.81
N THR A 154 27.52 37.10 41.79
CA THR A 154 26.27 37.86 41.63
C THR A 154 26.58 39.25 41.08
N GLU A 155 27.66 39.85 41.56
CA GLU A 155 28.10 41.17 41.12
C GLU A 155 28.55 41.18 39.67
N ILE A 156 29.24 40.13 39.24
CA ILE A 156 29.66 40.02 37.85
C ILE A 156 28.46 39.95 36.93
N TYR A 157 27.48 39.12 37.30
CA TYR A 157 26.25 39.01 36.52
C TYR A 157 25.53 40.36 36.47
N ALA A 158 25.38 41.00 37.62
CA ALA A 158 24.73 42.31 37.71
C ALA A 158 25.41 43.33 36.80
N SER A 159 26.73 43.18 36.63
CA SER A 159 27.50 44.11 35.80
C SER A 159 27.31 43.87 34.30
N ILE A 160 26.76 42.73 33.94
CA ILE A 160 26.34 42.50 32.55
C ILE A 160 24.81 42.48 32.46
N SER A 161 24.18 43.14 33.44
CA SER A 161 22.73 43.32 33.51
C SER A 161 21.96 42.00 33.61
N LEU A 162 22.51 41.05 34.33
CA LEU A 162 21.93 39.73 34.54
C LEU A 162 21.68 39.51 36.02
N VAL A 163 20.45 39.09 36.37
CA VAL A 163 20.10 38.78 37.76
C VAL A 163 19.31 37.49 37.85
N TYR A 164 19.81 36.59 38.70
CA TYR A 164 19.16 35.31 38.95
C TYR A 164 18.31 35.38 40.21
N GLY A 165 17.00 35.23 40.04
CA GLY A 165 16.06 35.20 41.16
C GLY A 165 16.02 33.83 41.82
N PRO A 166 15.28 33.71 42.94
CA PRO A 166 15.16 32.49 43.76
C PRO A 166 15.00 31.17 42.99
N MSE A 167 14.27 31.19 41.87
CA MSE A 167 13.99 29.98 41.11
C MSE A 167 15.10 29.64 40.11
O MSE A 167 15.04 28.63 39.41
CB MSE A 167 12.63 30.07 40.40
CG MSE A 167 11.43 30.25 41.32
SE MSE A 167 9.73 30.19 40.35
CE MSE A 167 8.56 31.01 41.69
N LEU A 168 16.11 30.51 40.05
CA LEU A 168 17.28 30.29 39.21
C LEU A 168 18.55 30.08 40.03
N GLN A 169 18.44 30.26 41.34
CA GLN A 169 19.59 30.14 42.24
C GLN A 169 19.91 28.67 42.52
N ALA A 170 20.57 28.05 41.54
CA ALA A 170 20.86 26.61 41.55
C ALA A 170 22.31 26.32 41.94
N VAL A 171 23.13 27.38 42.04
CA VAL A 171 24.54 27.22 42.31
C VAL A 171 24.77 27.23 43.82
N ARG A 172 24.98 26.02 44.36
CA ARG A 172 25.22 25.83 45.78
C ARG A 172 26.61 26.32 46.18
N GLN A 173 27.62 25.95 45.39
CA GLN A 173 29.03 26.28 45.68
C GLN A 173 29.84 26.46 44.41
N ALA A 174 30.81 27.37 44.45
CA ALA A 174 31.67 27.62 43.29
C ALA A 174 33.14 27.60 43.67
N TRP A 175 33.95 26.95 42.83
CA TRP A 175 35.41 26.93 42.99
C TRP A 175 36.07 27.47 41.73
N ILE A 176 37.26 28.05 41.90
CA ILE A 176 38.01 28.59 40.77
C ILE A 176 39.52 28.36 40.89
N GLY A 177 40.13 27.98 39.78
CA GLY A 177 41.58 27.86 39.68
C GLY A 177 42.06 28.80 38.58
N GLU A 178 43.35 28.70 38.26
CA GLU A 178 43.89 29.51 37.18
C GLU A 178 43.46 28.98 35.82
N GLU A 179 43.35 27.66 35.73
CA GLU A 179 43.07 26.97 34.48
C GLU A 179 41.69 26.30 34.45
N THR A 180 41.16 25.97 35.62
CA THR A 180 39.88 25.25 35.71
C THR A 180 38.83 25.97 36.58
N SER A 181 37.57 25.59 36.43
CA SER A 181 36.47 26.06 37.29
C SER A 181 35.50 24.93 37.60
N LEU A 182 34.83 25.02 38.75
CA LEU A 182 33.88 24.01 39.18
C LEU A 182 32.65 24.61 39.88
N LEU A 183 31.47 24.18 39.46
CA LEU A 183 30.21 24.58 40.08
C LEU A 183 29.46 23.38 40.68
N GLU A 184 29.05 23.49 41.94
CA GLU A 184 28.14 22.51 42.54
C GLU A 184 26.71 23.00 42.35
N ILE A 185 25.91 22.19 41.67
CA ILE A 185 24.56 22.56 41.27
C ILE A 185 23.52 21.66 41.92
N GLU A 186 22.45 22.27 42.42
CA GLU A 186 21.30 21.54 42.97
C GLU A 186 20.00 22.21 42.51
N VAL A 187 18.87 21.52 42.73
CA VAL A 187 17.57 22.07 42.36
C VAL A 187 17.14 23.13 43.38
N PRO A 188 16.91 24.36 42.90
CA PRO A 188 16.52 25.45 43.81
C PRO A 188 15.22 25.11 44.50
N LYS A 189 15.16 25.33 45.81
CA LYS A 189 14.01 24.98 46.61
C LYS A 189 12.72 25.59 46.08
N ALA A 190 12.83 26.81 45.56
CA ALA A 190 11.68 27.50 44.94
C ALA A 190 11.22 26.84 43.63
N LEU A 191 12.13 26.16 42.94
CA LEU A 191 11.83 25.52 41.66
C LEU A 191 11.30 24.10 41.78
N ALA A 192 11.74 23.39 42.83
CA ALA A 192 11.40 21.98 43.05
C ALA A 192 10.01 21.50 42.57
N PHE A 193 8.95 22.25 42.89
CA PHE A 193 7.59 21.81 42.61
C PHE A 193 7.21 21.84 41.10
N GLN A 194 8.05 22.48 40.29
CA GLN A 194 7.77 22.65 38.87
C GLN A 194 8.37 21.55 38.01
N LEU A 195 9.26 20.75 38.61
CA LEU A 195 9.93 19.68 37.87
C LEU A 195 8.93 18.57 37.55
N ALA A 196 9.07 17.95 36.37
CA ALA A 196 8.11 16.94 35.93
C ALA A 196 8.75 15.80 35.13
N GLY A 197 9.86 15.30 35.63
CA GLY A 197 10.49 14.11 35.03
C GLY A 197 11.26 14.33 33.74
N GLU A 198 11.40 15.59 33.33
CA GLU A 198 12.27 15.97 32.21
C GLU A 198 13.72 15.67 32.60
N PRO A 199 14.53 15.14 31.65
CA PRO A 199 15.94 14.81 31.93
C PRO A 199 16.73 15.94 32.60
N ILE A 200 16.52 17.17 32.13
CA ILE A 200 17.19 18.35 32.67
C ILE A 200 16.33 19.58 32.46
N HIS A 201 16.10 20.33 33.55
CA HIS A 201 15.28 21.53 33.48
C HIS A 201 16.11 22.69 32.93
N PRO A 202 15.49 23.56 32.11
CA PRO A 202 16.17 24.75 31.61
C PRO A 202 17.07 25.44 32.63
N VAL A 203 16.56 25.65 33.84
CA VAL A 203 17.34 26.28 34.91
C VAL A 203 18.65 25.54 35.18
N LEU A 204 18.59 24.21 35.29
CA LEU A 204 19.76 23.42 35.65
C LEU A 204 20.79 23.39 34.54
N ILE A 205 20.35 23.30 33.29
CA ILE A 205 21.29 23.40 32.18
C ILE A 205 21.86 24.83 32.09
N ASP A 206 21.06 25.84 32.43
CA ASP A 206 21.54 27.20 32.44
C ASP A 206 22.64 27.39 33.47
N ALA A 207 22.45 26.81 34.65
CA ALA A 207 23.42 26.94 35.73
C ALA A 207 24.82 26.41 35.36
N CYS A 208 24.88 25.43 34.45
CA CYS A 208 26.16 24.82 34.06
C CYS A 208 27.04 25.81 33.30
N THR A 209 26.43 26.87 32.78
CA THR A 209 27.14 27.79 31.89
C THR A 209 27.62 29.02 32.64
N ARG A 210 27.43 29.05 33.95
CA ARG A 210 27.61 30.27 34.73
C ARG A 210 29.03 30.58 35.21
N LEU A 211 29.99 29.71 34.96
CA LEU A 211 31.37 29.96 35.38
C LEU A 211 32.42 29.40 34.42
N THR A 212 33.49 30.17 34.27
CA THR A 212 34.68 29.83 33.49
C THR A 212 35.86 30.34 34.29
N PRO A 213 37.06 29.78 34.06
CA PRO A 213 38.25 30.24 34.79
C PRO A 213 38.57 31.72 34.58
N ASP A 214 38.08 32.30 33.49
CA ASP A 214 38.36 33.69 33.17
C ASP A 214 37.11 34.58 33.17
N LEU A 215 36.25 34.40 34.17
CA LEU A 215 34.95 35.06 34.17
C LEU A 215 35.02 36.58 34.41
N PHE A 216 36.11 37.05 35.04
CA PHE A 216 36.29 38.48 35.29
C PHE A 216 36.63 39.24 34.01
N ASP A 217 37.18 38.54 33.02
CA ASP A 217 37.60 39.14 31.75
C ASP A 217 36.44 39.32 30.77
N PHE A 218 35.22 39.11 31.27
CA PHE A 218 33.99 39.44 30.54
C PHE A 218 33.69 40.91 30.81
N SER A 219 33.58 41.70 29.75
CA SER A 219 33.45 43.17 29.85
C SER A 219 32.29 43.64 30.75
N SER A 220 32.63 43.99 31.99
CA SER A 220 31.67 44.45 32.99
C SER A 220 31.52 45.97 33.00
N ASP A 221 31.92 46.60 31.89
CA ASP A 221 32.20 48.03 31.82
C ASP A 221 31.05 48.93 31.34
N SER A 222 30.16 48.38 30.52
CA SER A 222 29.07 49.17 29.95
C SER A 222 27.70 48.57 30.25
N GLY A 223 27.69 47.49 31.03
CA GLY A 223 26.44 46.84 31.41
C GLY A 223 25.83 45.98 30.32
N VAL A 224 26.54 45.87 29.20
CA VAL A 224 26.06 45.12 28.04
C VAL A 224 26.12 43.61 28.31
N PHE A 225 25.03 42.93 27.98
CA PHE A 225 24.87 41.51 28.25
C PHE A 225 25.59 40.60 27.25
N TRP A 226 26.06 39.45 27.75
CA TRP A 226 26.64 38.40 26.92
C TRP A 226 25.61 37.29 26.63
N ALA A 227 25.00 37.33 25.46
CA ALA A 227 23.93 36.42 25.09
C ALA A 227 24.47 35.14 24.43
N PRO A 228 24.05 33.97 24.92
CA PRO A 228 24.32 32.71 24.23
C PRO A 228 23.88 32.79 22.77
N TRP A 229 24.76 32.35 21.89
CA TRP A 229 24.60 32.55 20.45
C TRP A 229 24.55 31.23 19.70
N ARG A 230 25.46 30.32 20.05
CA ARG A 230 25.45 28.96 19.49
C ARG A 230 26.18 27.95 20.36
N VAL A 231 25.82 26.68 20.19
CA VAL A 231 26.46 25.57 20.86
C VAL A 231 26.70 24.48 19.83
N LYS A 232 27.93 24.00 19.77
CA LYS A 232 28.32 23.00 18.77
C LYS A 232 27.67 21.65 19.05
N GLU A 233 27.86 21.15 20.27
CA GLU A 233 27.28 19.88 20.68
C GLU A 233 26.90 19.91 22.14
N MSE A 234 25.81 19.22 22.47
CA MSE A 234 25.38 19.01 23.83
C MSE A 234 24.94 17.56 23.96
O MSE A 234 24.06 17.10 23.22
CB MSE A 234 24.24 19.98 24.20
CG MSE A 234 24.12 20.29 25.67
SE MSE A 234 23.05 18.97 26.64
CE MSE A 234 24.04 18.86 28.33
N THR A 235 25.58 16.83 24.87
CA THR A 235 25.26 15.41 25.06
C THR A 235 24.80 15.18 26.50
N LEU A 236 23.81 14.31 26.67
CA LEU A 236 23.35 13.91 28.01
C LEU A 236 23.03 12.43 28.05
N SER A 237 23.64 11.72 28.99
CA SER A 237 23.53 10.25 29.07
C SER A 237 22.34 9.78 29.88
N HIS A 238 22.03 10.50 30.96
CA HIS A 238 20.87 10.19 31.79
C HIS A 238 20.36 11.45 32.51
N PRO A 239 19.17 11.37 33.16
CA PRO A 239 18.64 12.52 33.90
C PRO A 239 19.61 13.03 34.96
N THR A 240 19.56 14.34 35.23
CA THR A 240 20.43 14.95 36.24
C THR A 240 20.02 14.45 37.62
N PRO A 241 21.01 14.12 38.48
CA PRO A 241 20.67 13.78 39.86
C PRO A 241 20.33 15.05 40.62
N SER A 242 19.88 14.92 41.86
CA SER A 242 19.48 16.09 42.65
C SER A 242 20.65 17.05 42.92
N ARG A 243 21.87 16.51 42.99
CA ARG A 243 23.05 17.36 42.98
C ARG A 243 24.16 16.82 42.08
N PHE A 244 24.77 17.73 41.31
CA PHE A 244 25.81 17.41 40.35
C PHE A 244 26.77 18.59 40.17
N TYR A 245 27.76 18.42 39.29
CA TYR A 245 28.81 19.42 39.12
C TYR A 245 28.98 19.85 37.65
N ALA A 246 29.44 21.08 37.46
CA ALA A 246 29.79 21.59 36.15
C ALA A 246 31.27 21.95 36.14
N TYR A 247 32.03 21.27 35.29
CA TYR A 247 33.48 21.38 35.27
C TYR A 247 33.98 21.98 33.95
N VAL A 248 34.76 23.05 34.06
CA VAL A 248 35.39 23.67 32.90
C VAL A 248 36.91 23.49 32.98
N GLU A 249 37.49 22.85 31.97
CA GLU A 249 38.90 22.43 32.00
C GLU A 249 39.88 23.47 31.45
N GLU A 250 39.40 24.32 30.56
CA GLU A 250 40.23 25.35 29.91
C GLU A 250 39.54 26.71 29.92
N PRO A 251 40.32 27.81 29.98
CA PRO A 251 39.76 29.16 29.89
C PRO A 251 39.03 29.39 28.57
N SER A 252 38.06 30.30 28.56
CA SER A 252 37.24 30.57 27.39
C SER A 252 38.06 31.12 26.22
N ARG A 253 37.81 30.57 25.04
CA ARG A 253 38.44 31.02 23.80
C ARG A 253 37.77 32.30 23.30
N VAL A 254 38.58 33.32 22.99
CA VAL A 254 38.08 34.65 22.66
C VAL A 254 38.36 34.99 21.20
N ASN A 255 37.32 35.25 20.42
CA ASN A 255 37.50 35.63 19.02
C ASN A 255 37.32 37.14 18.79
N GLU A 256 38.43 37.88 18.85
CA GLU A 256 38.42 39.33 18.62
C GLU A 256 37.43 39.72 17.53
N GLN A 257 37.67 39.21 16.33
CA GLN A 257 36.92 39.53 15.11
C GLN A 257 35.41 39.25 15.23
N LEU A 258 35.07 37.98 15.45
CA LEU A 258 33.67 37.54 15.54
C LEU A 258 32.94 38.07 16.79
N GLN A 259 33.72 38.65 17.71
CA GLN A 259 33.24 39.24 18.96
C GLN A 259 32.53 38.23 19.87
N THR A 260 33.11 37.04 19.95
CA THR A 260 32.55 35.92 20.73
C THR A 260 33.52 35.44 21.81
N ARG A 261 32.95 34.79 22.81
CA ARG A 261 33.68 33.97 23.76
C ARG A 261 33.06 32.58 23.77
N SER A 262 33.88 31.54 23.70
CA SER A 262 33.36 30.17 23.69
C SER A 262 34.10 29.24 24.66
N TYR A 263 33.37 28.27 25.21
CA TYR A 263 33.95 27.32 26.17
C TYR A 263 33.23 25.98 26.25
N ASP A 264 33.77 25.08 27.06
CA ASP A 264 33.25 23.73 27.22
C ASP A 264 32.92 23.43 28.66
N ILE A 265 31.85 22.66 28.87
CA ILE A 265 31.44 22.28 30.21
C ILE A 265 31.21 20.79 30.30
N GLN A 266 31.81 20.17 31.31
CA GLN A 266 31.65 18.76 31.60
C GLN A 266 30.64 18.63 32.75
N LEU A 267 29.59 17.82 32.56
CA LEU A 267 28.62 17.55 33.63
C LEU A 267 28.99 16.28 34.39
N LEU A 268 29.24 16.42 35.69
CA LEU A 268 29.72 15.33 36.54
C LEU A 268 28.71 15.03 37.64
N ASP A 269 28.43 13.75 37.88
CA ASP A 269 27.49 13.36 38.95
C ASP A 269 28.10 13.48 40.36
N GLU A 270 27.38 12.97 41.36
CA GLU A 270 27.80 13.07 42.77
C GLU A 270 29.17 12.40 43.05
N THR A 271 29.46 11.31 42.33
CA THR A 271 30.74 10.60 42.49
C THR A 271 31.89 11.26 41.73
N GLY A 272 31.55 12.04 40.72
CA GLY A 272 32.54 12.73 39.90
C GLY A 272 32.59 12.14 38.51
N GLN A 273 31.65 11.25 38.21
CA GLN A 273 31.56 10.60 36.91
C GLN A 273 30.87 11.50 35.90
N ALA A 274 31.44 11.63 34.71
CA ALA A 274 30.82 12.44 33.67
C ALA A 274 29.57 11.75 33.11
N PHE A 275 28.52 12.52 32.87
CA PHE A 275 27.28 11.98 32.31
C PHE A 275 26.69 12.89 31.24
N GLY A 276 27.35 14.03 31.00
CA GLY A 276 26.93 14.94 29.95
C GLY A 276 27.99 15.96 29.65
N ARG A 277 27.91 16.57 28.47
CA ARG A 277 28.77 17.73 28.19
C ARG A 277 28.14 18.75 27.25
N ILE A 278 28.67 19.98 27.33
CA ILE A 278 28.28 21.08 26.45
C ILE A 278 29.55 21.57 25.77
N ASN A 279 29.62 21.39 24.45
CA ASN A 279 30.80 21.77 23.68
C ASN A 279 30.58 23.00 22.81
N GLY A 280 31.54 23.92 22.86
CA GLY A 280 31.51 25.12 22.04
C GLY A 280 30.39 26.06 22.41
N PHE A 281 30.13 26.19 23.72
CA PHE A 281 29.12 27.10 24.20
C PHE A 281 29.58 28.55 23.97
N THR A 282 28.94 29.22 23.02
CA THR A 282 29.38 30.54 22.59
C THR A 282 28.43 31.66 23.02
N VAL A 283 28.98 32.67 23.67
CA VAL A 283 28.24 33.89 24.00
C VAL A 283 28.69 35.02 23.07
N LYS A 284 27.79 35.97 22.81
CA LYS A 284 28.12 37.16 22.03
C LYS A 284 27.51 38.38 22.67
N ARG A 285 28.20 39.51 22.60
CA ARG A 285 27.70 40.78 23.14
C ARG A 285 26.38 41.16 22.49
N ALA A 286 25.40 41.50 23.34
CA ALA A 286 24.08 41.89 22.86
C ALA A 286 23.53 43.08 23.66
N PRO A 287 23.73 44.31 23.14
CA PRO A 287 23.13 45.50 23.75
C PRO A 287 21.60 45.46 23.76
N SER A 288 21.01 46.10 24.77
CA SER A 288 19.57 46.08 25.02
C SER A 288 18.71 46.44 23.81
N GLN A 289 19.14 47.46 23.07
CA GLN A 289 18.46 47.93 21.87
C GLN A 289 18.30 46.84 20.82
N LEU A 290 19.37 46.07 20.61
CA LEU A 290 19.35 44.96 19.66
C LEU A 290 18.69 43.71 20.26
N PHE A 291 19.01 43.43 21.53
CA PHE A 291 18.59 42.21 22.22
C PHE A 291 17.08 42.12 22.45
N LEU A 292 16.50 43.19 22.99
CA LEU A 292 15.08 43.19 23.33
C LEU A 292 14.18 43.78 22.24
N LYS A 293 14.64 43.69 21.00
CA LYS A 293 13.84 44.16 19.87
C LYS A 293 14.05 43.42 18.58
N HIS B 9 -10.11 -31.98 -11.92
CA HIS B 9 -11.45 -31.91 -12.57
C HIS B 9 -11.42 -32.52 -13.97
N ARG B 10 -12.31 -33.47 -14.23
CA ARG B 10 -12.35 -34.19 -15.51
C ARG B 10 -12.42 -33.24 -16.69
N LEU B 11 -13.18 -32.15 -16.53
CA LEU B 11 -13.41 -31.22 -17.63
C LEU B 11 -12.32 -30.15 -17.75
N LEU B 12 -11.99 -29.50 -16.64
CA LEU B 12 -11.10 -28.35 -16.64
C LEU B 12 -9.64 -28.73 -16.49
N GLY B 13 -9.37 -29.84 -15.81
CA GLY B 13 -8.00 -30.23 -15.52
C GLY B 13 -7.51 -29.60 -14.24
N ASN B 14 -6.27 -29.12 -14.26
CA ASN B 14 -5.64 -28.59 -13.05
C ASN B 14 -5.74 -27.10 -12.94
N LYS B 15 -6.15 -26.63 -11.76
CA LYS B 15 -6.31 -25.22 -11.47
C LYS B 15 -5.03 -24.64 -10.91
N LEU B 16 -4.58 -23.55 -11.51
CA LEU B 16 -3.45 -22.80 -10.98
C LEU B 16 -3.87 -21.34 -10.84
N GLU B 17 -3.81 -20.84 -9.62
CA GLU B 17 -4.06 -19.42 -9.40
C GLU B 17 -2.76 -18.65 -9.42
N LEU B 18 -2.69 -17.66 -10.30
CA LEU B 18 -1.51 -16.82 -10.43
C LEU B 18 -1.32 -15.85 -9.25
N ALA B 19 -0.15 -15.92 -8.64
CA ALA B 19 0.18 -15.07 -7.52
C ALA B 19 0.22 -13.60 -7.91
N SER B 20 0.83 -13.31 -9.05
CA SER B 20 1.15 -11.92 -9.38
C SER B 20 0.01 -11.12 -9.99
N THR B 21 -0.92 -11.80 -10.65
CA THR B 21 -1.96 -11.12 -11.42
C THR B 21 -3.39 -11.34 -10.86
N GLY B 22 -3.58 -12.44 -10.14
CA GLY B 22 -4.92 -12.87 -9.72
C GLY B 22 -5.70 -13.53 -10.85
N GLN B 23 -4.98 -14.10 -11.81
CA GLN B 23 -5.60 -14.86 -12.90
C GLN B 23 -5.67 -16.34 -12.53
N THR B 24 -6.51 -17.09 -13.25
CA THR B 24 -6.57 -18.53 -13.05
C THR B 24 -6.37 -19.27 -14.36
N ILE B 25 -5.44 -20.22 -14.35
CA ILE B 25 -5.27 -21.07 -15.51
C ILE B 25 -5.70 -22.50 -15.22
N TYR B 26 -6.51 -23.03 -16.10
CA TYR B 26 -6.87 -24.42 -16.05
C TYR B 26 -6.14 -25.13 -17.18
N HIS B 27 -5.25 -26.06 -16.82
CA HIS B 27 -4.42 -26.75 -17.82
C HIS B 27 -4.56 -28.27 -17.76
N GLN B 28 -4.59 -28.89 -18.94
CA GLN B 28 -4.75 -30.33 -19.06
C GLN B 28 -4.22 -30.86 -20.39
N ASP B 29 -3.98 -32.16 -20.46
CA ASP B 29 -3.69 -32.83 -21.72
C ASP B 29 -5.00 -33.37 -22.30
N ILE B 30 -5.41 -32.85 -23.46
CA ILE B 30 -6.59 -33.34 -24.15
C ILE B 30 -6.19 -34.47 -25.11
N ASN B 31 -6.78 -35.64 -24.91
CA ASN B 31 -6.63 -36.76 -25.84
C ASN B 31 -7.78 -37.76 -25.73
N LEU B 32 -7.80 -38.76 -26.61
CA LEU B 32 -8.91 -39.72 -26.63
C LEU B 32 -8.96 -40.60 -25.38
N ASN B 33 -7.90 -40.54 -24.60
CA ASN B 33 -7.86 -41.29 -23.36
C ASN B 33 -8.53 -40.53 -22.22
N ASN B 34 -8.23 -39.24 -22.11
CA ASN B 34 -8.83 -38.38 -21.10
C ASN B 34 -10.26 -38.01 -21.48
N HIS B 35 -10.50 -37.80 -22.77
CA HIS B 35 -11.80 -37.37 -23.24
C HIS B 35 -12.29 -38.18 -24.44
N PRO B 36 -12.67 -39.46 -24.21
CA PRO B 36 -13.11 -40.39 -25.27
C PRO B 36 -14.24 -39.84 -26.11
N TRP B 37 -15.06 -38.95 -25.54
CA TRP B 37 -16.24 -38.42 -26.23
C TRP B 37 -15.88 -37.62 -27.48
N ILE B 38 -14.69 -37.02 -27.51
CA ILE B 38 -14.29 -36.24 -28.67
C ILE B 38 -14.22 -37.13 -29.90
N GLY B 39 -13.77 -38.37 -29.70
CA GLY B 39 -13.71 -39.37 -30.77
C GLY B 39 -15.07 -39.67 -31.38
N ASP B 40 -16.13 -39.20 -30.72
CA ASP B 40 -17.50 -39.43 -31.18
C ASP B 40 -18.13 -38.17 -31.76
N HIS B 41 -17.38 -37.07 -31.80
CA HIS B 41 -17.81 -35.86 -32.49
C HIS B 41 -16.92 -35.65 -33.69
N ARG B 42 -17.29 -36.26 -34.80
CA ARG B 42 -16.40 -36.34 -35.96
C ARG B 42 -16.83 -35.44 -37.12
N VAL B 43 -16.00 -34.45 -37.42
CA VAL B 43 -16.17 -33.63 -38.62
C VAL B 43 -15.07 -33.99 -39.62
N TYR B 44 -15.45 -34.26 -40.87
CA TYR B 44 -14.51 -34.76 -41.89
C TYR B 44 -13.77 -36.01 -41.38
N ASP B 45 -14.52 -36.88 -40.71
CA ASP B 45 -13.99 -38.09 -40.04
C ASP B 45 -12.79 -37.81 -39.13
N THR B 46 -12.80 -36.64 -38.50
CA THR B 46 -11.74 -36.22 -37.60
C THR B 46 -12.35 -35.88 -36.25
N PRO B 47 -11.80 -36.46 -35.16
CA PRO B 47 -12.22 -36.05 -33.81
C PRO B 47 -11.96 -34.55 -33.56
N VAL B 48 -13.05 -33.79 -33.37
CA VAL B 48 -13.02 -32.33 -33.26
C VAL B 48 -13.80 -31.90 -32.03
N ILE B 49 -13.27 -30.95 -31.27
CA ILE B 49 -14.02 -30.36 -30.15
C ILE B 49 -15.00 -29.29 -30.65
N PRO B 50 -16.31 -29.47 -30.42
CA PRO B 50 -17.30 -28.44 -30.79
C PRO B 50 -17.01 -27.16 -30.03
N GLY B 51 -17.15 -26.01 -30.69
CA GLY B 51 -16.87 -24.72 -30.08
C GLY B 51 -17.51 -24.47 -28.74
N VAL B 52 -18.80 -24.81 -28.62
CA VAL B 52 -19.57 -24.59 -27.38
C VAL B 52 -19.01 -25.30 -26.15
N SER B 53 -18.08 -26.23 -26.35
CA SER B 53 -17.40 -26.90 -25.24
C SER B 53 -16.70 -25.89 -24.35
N TYR B 54 -16.15 -24.85 -24.96
CA TYR B 54 -15.39 -23.85 -24.23
C TYR B 54 -16.29 -22.96 -23.38
N ILE B 55 -17.57 -22.83 -23.78
CA ILE B 55 -18.59 -22.22 -22.94
C ILE B 55 -18.84 -23.11 -21.74
N ALA B 56 -19.08 -24.40 -22.00
CA ALA B 56 -19.22 -25.40 -20.93
C ALA B 56 -18.11 -25.28 -19.91
N MSE B 57 -16.88 -25.20 -20.41
CA MSE B 57 -15.71 -25.14 -19.54
C MSE B 57 -15.68 -23.88 -18.70
O MSE B 57 -15.45 -23.95 -17.49
CB MSE B 57 -14.43 -25.23 -20.35
CG MSE B 57 -14.18 -26.62 -20.90
SE MSE B 57 -12.58 -26.63 -21.98
CE MSE B 57 -11.24 -26.29 -20.59
N THR B 58 -15.96 -22.75 -19.33
CA THR B 58 -16.01 -21.47 -18.62
C THR B 58 -17.08 -21.50 -17.54
N LEU B 59 -18.27 -21.99 -17.90
CA LEU B 59 -19.36 -22.16 -16.92
C LEU B 59 -18.95 -23.05 -15.74
N ALA B 60 -18.08 -24.02 -15.98
CA ALA B 60 -17.59 -24.90 -14.91
C ALA B 60 -16.59 -24.16 -14.01
N ALA B 61 -15.80 -23.29 -14.61
CA ALA B 61 -14.82 -22.51 -13.87
C ALA B 61 -15.47 -21.51 -12.92
N VAL B 62 -16.53 -20.85 -13.38
CA VAL B 62 -17.13 -19.75 -12.59
C VAL B 62 -18.38 -20.13 -11.80
N GLY B 63 -19.06 -21.20 -12.22
CA GLY B 63 -20.29 -21.61 -11.56
C GLY B 63 -21.52 -20.92 -12.14
N VAL B 64 -22.67 -21.55 -11.94
CA VAL B 64 -23.96 -21.00 -12.36
C VAL B 64 -24.74 -20.54 -11.13
N PRO B 65 -25.60 -19.51 -11.26
CA PRO B 65 -26.00 -18.75 -12.46
C PRO B 65 -24.86 -17.94 -13.05
N ALA B 66 -24.78 -17.94 -14.37
CA ALA B 66 -23.75 -17.19 -15.07
C ALA B 66 -24.22 -16.78 -16.46
N ALA B 67 -23.65 -15.69 -16.95
CA ALA B 67 -23.85 -15.26 -18.31
C ALA B 67 -22.51 -15.15 -19.00
N VAL B 68 -22.43 -15.59 -20.24
CA VAL B 68 -21.20 -15.48 -21.03
C VAL B 68 -21.50 -14.73 -22.31
N GLU B 69 -20.74 -13.68 -22.59
CA GLU B 69 -20.97 -12.87 -23.79
C GLU B 69 -19.75 -12.74 -24.70
N ASP B 70 -20.01 -12.27 -25.92
CA ASP B 70 -18.99 -12.02 -26.94
C ASP B 70 -18.06 -13.23 -27.13
N ILE B 71 -18.69 -14.36 -27.43
CA ILE B 71 -18.02 -15.63 -27.62
C ILE B 71 -17.55 -15.79 -29.07
N ASN B 72 -16.27 -16.12 -29.25
CA ASN B 72 -15.70 -16.28 -30.57
C ASN B 72 -14.89 -17.55 -30.71
N PHE B 73 -15.08 -18.25 -31.82
CA PHE B 73 -14.34 -19.49 -32.08
C PHE B 73 -13.36 -19.28 -33.22
N GLN B 74 -12.09 -19.64 -33.00
CA GLN B 74 -11.09 -19.49 -34.04
C GLN B 74 -10.80 -20.86 -34.62
N GLN B 75 -9.54 -21.26 -34.67
CA GLN B 75 -9.16 -22.58 -35.17
C GLN B 75 -9.67 -23.68 -34.22
N PRO B 76 -10.25 -24.76 -34.77
CA PRO B 76 -10.73 -25.84 -33.93
C PRO B 76 -9.60 -26.70 -33.34
N LEU B 77 -9.88 -27.35 -32.22
CA LEU B 77 -8.95 -28.29 -31.63
C LEU B 77 -9.34 -29.67 -32.15
N PHE B 78 -8.54 -30.21 -33.06
CA PHE B 78 -8.78 -31.55 -33.60
C PHE B 78 -7.67 -32.53 -33.24
N LEU B 79 -8.00 -33.81 -33.19
CA LEU B 79 -7.03 -34.86 -32.91
C LEU B 79 -6.82 -35.68 -34.16
N ALA B 80 -5.74 -35.36 -34.87
CA ALA B 80 -5.48 -35.98 -36.17
C ALA B 80 -5.31 -37.49 -36.06
N GLU B 81 -4.42 -37.91 -35.18
CA GLU B 81 -4.14 -39.33 -34.99
C GLU B 81 -4.80 -39.79 -33.71
N SER B 82 -4.99 -41.11 -33.57
CA SER B 82 -5.69 -41.66 -32.40
C SER B 82 -4.89 -41.49 -31.09
N ASN B 83 -3.61 -41.18 -31.20
CA ASN B 83 -2.79 -40.94 -30.02
C ASN B 83 -2.34 -39.46 -29.86
N THR B 84 -2.91 -38.58 -30.68
CA THR B 84 -2.63 -37.14 -30.58
C THR B 84 -3.00 -36.62 -29.19
N THR B 85 -2.08 -35.86 -28.60
CA THR B 85 -2.31 -35.18 -27.34
C THR B 85 -2.08 -33.69 -27.54
N ARG B 86 -3.03 -32.87 -27.11
CA ARG B 86 -2.89 -31.44 -27.19
C ARG B 86 -2.91 -30.88 -25.77
N GLU B 87 -1.80 -30.27 -25.37
CA GLU B 87 -1.77 -29.61 -24.07
C GLU B 87 -2.55 -28.28 -24.18
N THR B 88 -3.57 -28.16 -23.34
CA THR B 88 -4.60 -27.12 -23.45
C THR B 88 -4.58 -26.21 -22.24
N GLN B 89 -4.86 -24.93 -22.47
CA GLN B 89 -4.94 -23.94 -21.39
C GLN B 89 -6.15 -23.03 -21.51
N LEU B 90 -7.00 -23.03 -20.48
CA LEU B 90 -8.09 -22.07 -20.40
C LEU B 90 -7.69 -21.00 -19.40
N MSE B 91 -7.61 -19.75 -19.86
CA MSE B 91 -7.13 -18.64 -19.07
C MSE B 91 -8.27 -17.73 -18.62
O MSE B 91 -8.94 -17.07 -19.44
CB MSE B 91 -6.09 -17.84 -19.85
CG MSE B 91 -5.79 -16.45 -19.31
SE MSE B 91 -4.47 -16.49 -17.88
CE MSE B 91 -2.85 -16.46 -18.97
N LEU B 92 -8.49 -17.70 -17.32
CA LEU B 92 -9.53 -16.86 -16.73
C LEU B 92 -8.89 -15.59 -16.22
N HIS B 93 -9.15 -14.48 -16.91
CA HIS B 93 -8.49 -13.23 -16.57
C HIS B 93 -9.07 -12.65 -15.29
N THR B 94 -8.26 -11.87 -14.60
CA THR B 94 -8.71 -11.19 -13.40
C THR B 94 -9.73 -10.10 -13.79
N ALA B 95 -10.78 -9.94 -12.99
CA ALA B 95 -11.92 -9.08 -13.35
C ALA B 95 -11.48 -7.64 -13.57
N ASP B 96 -12.04 -7.00 -14.60
CA ASP B 96 -11.70 -5.62 -14.95
C ASP B 96 -12.49 -4.57 -14.14
N ASN B 97 -12.35 -3.30 -14.51
CA ASN B 97 -13.11 -2.19 -13.91
C ASN B 97 -14.62 -2.42 -13.94
N VAL B 98 -15.10 -2.85 -15.10
CA VAL B 98 -16.51 -3.21 -15.31
C VAL B 98 -16.88 -4.52 -14.58
N GLY B 99 -15.86 -5.24 -14.08
CA GLY B 99 -16.07 -6.47 -13.33
C GLY B 99 -16.27 -7.70 -14.19
N LYS B 100 -16.02 -7.57 -15.50
CA LYS B 100 -16.10 -8.69 -16.44
C LYS B 100 -14.75 -9.43 -16.47
N GLN B 101 -14.80 -10.74 -16.70
CA GLN B 101 -13.61 -11.59 -16.76
C GLN B 101 -13.44 -12.09 -18.17
N PHE B 102 -12.28 -11.79 -18.75
CA PHE B 102 -11.97 -12.26 -20.10
C PHE B 102 -11.47 -13.70 -20.01
N VAL B 103 -11.83 -14.50 -21.01
CA VAL B 103 -11.50 -15.93 -21.05
C VAL B 103 -10.94 -16.29 -22.43
N GLU B 104 -9.84 -17.03 -22.43
CA GLU B 104 -9.23 -17.49 -23.68
C GLU B 104 -8.84 -18.96 -23.58
N VAL B 105 -8.98 -19.67 -24.70
CA VAL B 105 -8.56 -21.06 -24.75
C VAL B 105 -7.52 -21.29 -25.85
N PHE B 106 -6.35 -21.78 -25.45
CA PHE B 106 -5.27 -22.15 -26.38
C PHE B 106 -4.87 -23.61 -26.22
N SER B 107 -4.33 -24.17 -27.31
CA SER B 107 -3.60 -25.44 -27.24
C SER B 107 -2.42 -25.50 -28.20
N ARG B 108 -1.55 -26.46 -27.96
CA ARG B 108 -0.45 -26.77 -28.87
C ARG B 108 -0.16 -28.26 -28.79
N ASP B 109 0.55 -28.78 -29.77
CA ASP B 109 1.02 -30.15 -29.69
C ASP B 109 2.27 -30.16 -28.82
N GLY B 110 2.17 -30.81 -27.67
CA GLY B 110 3.28 -30.88 -26.71
C GLY B 110 4.52 -31.50 -27.32
N ALA B 111 4.34 -32.63 -28.00
CA ALA B 111 5.43 -33.38 -28.61
C ALA B 111 6.11 -32.61 -29.74
N LYS B 112 5.31 -31.98 -30.59
CA LYS B 112 5.81 -31.37 -31.83
C LYS B 112 6.46 -30.01 -31.64
N GLN B 113 6.44 -29.50 -30.40
CA GLN B 113 7.06 -28.22 -30.04
C GLN B 113 6.26 -27.01 -30.53
N GLU B 114 5.43 -27.21 -31.55
CA GLU B 114 4.79 -26.12 -32.31
C GLU B 114 3.98 -25.11 -31.51
N GLU B 115 3.79 -23.92 -32.10
CA GLU B 115 3.24 -22.74 -31.43
C GLU B 115 1.79 -22.87 -30.98
N TRP B 116 1.43 -22.10 -29.95
CA TRP B 116 0.09 -22.08 -29.39
C TRP B 116 -0.94 -21.61 -30.39
N GLN B 117 -2.05 -22.34 -30.46
CA GLN B 117 -3.17 -22.00 -31.31
C GLN B 117 -4.36 -21.64 -30.44
N GLN B 118 -5.02 -20.54 -30.79
CA GLN B 118 -6.21 -20.08 -30.09
C GLN B 118 -7.46 -20.81 -30.59
N HIS B 119 -8.30 -21.25 -29.67
CA HIS B 119 -9.53 -21.94 -30.02
C HIS B 119 -10.80 -21.15 -29.70
N ALA B 120 -10.71 -20.26 -28.71
CA ALA B 120 -11.88 -19.49 -28.28
C ALA B 120 -11.52 -18.29 -27.42
N SER B 121 -12.39 -17.29 -27.43
CA SER B 121 -12.31 -16.17 -26.51
C SER B 121 -13.73 -15.78 -26.11
N MSE B 122 -13.90 -15.28 -24.88
CA MSE B 122 -15.20 -14.84 -24.40
C MSE B 122 -15.10 -14.04 -23.11
O MSE B 122 -14.04 -14.00 -22.47
CB MSE B 122 -16.11 -16.04 -24.17
CG MSE B 122 -15.62 -17.01 -23.13
SE MSE B 122 -16.54 -18.70 -23.32
CE MSE B 122 -15.46 -19.52 -24.72
N SER B 123 -16.20 -13.40 -22.73
CA SER B 123 -16.26 -12.67 -21.47
C SER B 123 -17.35 -13.22 -20.57
N VAL B 124 -17.00 -13.41 -19.31
CA VAL B 124 -17.97 -13.71 -18.27
C VAL B 124 -18.59 -12.39 -17.84
N SER B 125 -19.90 -12.29 -17.97
CA SER B 125 -20.66 -11.09 -17.65
C SER B 125 -20.51 -10.72 -16.17
N GLU B 126 -20.63 -9.42 -15.90
CA GLU B 126 -20.39 -8.84 -14.59
C GLU B 126 -21.37 -9.32 -13.52
N ASN B 127 -22.65 -9.47 -13.90
CA ASN B 127 -23.71 -9.91 -12.99
C ASN B 127 -24.42 -11.15 -13.51
N PRO B 128 -24.92 -12.00 -12.58
CA PRO B 128 -25.79 -13.12 -12.95
C PRO B 128 -26.87 -12.69 -13.95
N PRO B 129 -27.39 -13.64 -14.77
CA PRO B 129 -28.50 -13.33 -15.67
C PRO B 129 -29.79 -13.08 -14.91
N PRO B 130 -30.67 -12.22 -15.44
CA PRO B 130 -31.98 -12.04 -14.81
C PRO B 130 -32.79 -13.33 -14.90
N PRO B 131 -33.40 -13.76 -13.77
CA PRO B 131 -34.04 -15.07 -13.70
C PRO B 131 -35.17 -15.20 -14.74
N PRO B 132 -35.08 -16.22 -15.62
CA PRO B 132 -35.98 -16.37 -16.77
C PRO B 132 -37.45 -16.35 -16.39
N THR B 133 -38.28 -15.84 -17.29
CA THR B 133 -39.71 -15.68 -17.04
C THR B 133 -40.54 -16.62 -17.90
N LEU B 134 -39.94 -17.10 -18.98
CA LEU B 134 -40.64 -17.90 -19.99
C LEU B 134 -41.02 -19.27 -19.49
N SER B 135 -42.18 -19.74 -19.95
CA SER B 135 -42.63 -21.11 -19.69
C SER B 135 -43.29 -21.67 -20.95
N VAL B 136 -43.21 -22.98 -21.12
CA VAL B 136 -43.81 -23.63 -22.29
C VAL B 136 -44.61 -24.88 -21.90
N ASP B 137 -45.84 -24.98 -22.42
CA ASP B 137 -46.62 -26.20 -22.28
C ASP B 137 -46.14 -27.18 -23.33
N ILE B 138 -45.16 -27.98 -22.94
CA ILE B 138 -44.51 -28.96 -23.79
C ILE B 138 -45.51 -29.90 -24.52
N PRO B 139 -46.40 -30.59 -23.78
CA PRO B 139 -47.37 -31.46 -24.46
C PRO B 139 -48.18 -30.71 -25.52
N ALA B 140 -48.56 -29.46 -25.25
CA ALA B 140 -49.35 -28.65 -26.18
C ALA B 140 -48.53 -28.20 -27.39
N LEU B 141 -47.27 -27.83 -27.14
CA LEU B 141 -46.37 -27.46 -28.22
C LEU B 141 -46.12 -28.68 -29.13
N CYS B 142 -45.92 -29.85 -28.53
CA CYS B 142 -45.64 -31.07 -29.27
C CYS B 142 -46.82 -31.51 -30.14
N GLU B 143 -48.03 -31.23 -29.68
CA GLU B 143 -49.24 -31.57 -30.44
C GLU B 143 -49.33 -30.76 -31.74
N GLN B 144 -48.79 -29.56 -31.72
CA GLN B 144 -48.85 -28.63 -32.85
C GLN B 144 -47.71 -28.88 -33.83
N LEU B 145 -46.76 -29.72 -33.43
CA LEU B 145 -45.56 -29.96 -34.22
C LEU B 145 -45.53 -31.36 -34.81
N ARG B 146 -44.71 -31.55 -35.84
CA ARG B 146 -44.53 -32.88 -36.44
C ARG B 146 -43.26 -33.55 -35.91
N PRO B 147 -43.41 -34.76 -35.34
CA PRO B 147 -42.25 -35.53 -34.92
C PRO B 147 -41.53 -36.05 -36.14
N LEU B 148 -40.20 -36.11 -36.08
CA LEU B 148 -39.43 -36.54 -37.23
C LEU B 148 -38.49 -37.69 -36.88
N ASP B 149 -38.18 -38.53 -37.87
CA ASP B 149 -37.21 -39.62 -37.69
C ASP B 149 -35.86 -39.00 -37.36
N THR B 150 -35.15 -39.60 -36.40
CA THR B 150 -33.77 -39.16 -36.12
C THR B 150 -32.86 -39.47 -37.31
N ASP B 151 -33.16 -40.56 -38.01
CA ASP B 151 -32.46 -40.93 -39.26
C ASP B 151 -32.40 -39.78 -40.26
N THR B 152 -33.53 -39.08 -40.41
CA THR B 152 -33.63 -37.93 -41.32
C THR B 152 -32.59 -36.86 -40.96
N LEU B 153 -32.43 -36.63 -39.65
CA LEU B 153 -31.45 -35.66 -39.17
C LEU B 153 -30.00 -36.14 -39.29
N THR B 154 -29.77 -37.41 -38.95
CA THR B 154 -28.46 -38.04 -39.11
C THR B 154 -27.93 -37.87 -40.54
N GLU B 155 -28.82 -37.99 -41.51
CA GLU B 155 -28.50 -37.80 -42.92
C GLU B 155 -28.12 -36.35 -43.27
N ILE B 156 -28.83 -35.39 -42.68
CA ILE B 156 -28.50 -33.96 -42.83
C ILE B 156 -27.06 -33.74 -42.39
N TYR B 157 -26.75 -34.18 -41.17
CA TYR B 157 -25.43 -34.00 -40.59
C TYR B 157 -24.35 -34.67 -41.43
N ALA B 158 -24.63 -35.91 -41.86
CA ALA B 158 -23.74 -36.65 -42.74
C ALA B 158 -23.44 -35.88 -44.03
N SER B 159 -24.43 -35.13 -44.51
CA SER B 159 -24.29 -34.37 -45.77
C SER B 159 -23.45 -33.11 -45.62
N ILE B 160 -23.22 -32.68 -44.38
CA ILE B 160 -22.26 -31.60 -44.12
C ILE B 160 -21.02 -32.18 -43.43
N SER B 161 -20.82 -33.47 -43.67
CA SER B 161 -19.71 -34.29 -43.16
C SER B 161 -19.54 -34.25 -41.64
N LEU B 162 -20.66 -34.36 -40.95
CA LEU B 162 -20.73 -34.39 -39.50
C LEU B 162 -21.39 -35.68 -39.05
N VAL B 163 -20.75 -36.37 -38.11
CA VAL B 163 -21.28 -37.63 -37.57
C VAL B 163 -21.15 -37.68 -36.06
N TYR B 164 -22.26 -37.93 -35.39
CA TYR B 164 -22.32 -38.03 -33.94
C TYR B 164 -22.27 -39.48 -33.51
N GLY B 165 -21.22 -39.85 -32.78
CA GLY B 165 -21.07 -41.20 -32.25
C GLY B 165 -21.87 -41.40 -30.96
N PRO B 166 -21.86 -42.64 -30.43
CA PRO B 166 -22.63 -43.02 -29.24
C PRO B 166 -22.57 -42.03 -28.06
N MSE B 167 -21.41 -41.42 -27.82
CA MSE B 167 -21.22 -40.49 -26.71
C MSE B 167 -21.73 -39.07 -27.00
O MSE B 167 -21.75 -38.21 -26.12
CB MSE B 167 -19.75 -40.46 -26.25
CG MSE B 167 -19.36 -41.67 -25.42
SE MSE B 167 -17.45 -41.79 -25.07
CE MSE B 167 -17.28 -43.74 -24.83
N LEU B 168 -22.14 -38.85 -28.24
CA LEU B 168 -22.74 -37.58 -28.63
C LEU B 168 -24.23 -37.67 -28.94
N GLN B 169 -24.77 -38.89 -28.95
CA GLN B 169 -26.19 -39.13 -29.25
C GLN B 169 -27.08 -38.79 -28.05
N ALA B 170 -27.35 -37.50 -27.92
CA ALA B 170 -28.03 -36.96 -26.77
C ALA B 170 -29.47 -36.58 -27.11
N VAL B 171 -29.80 -36.64 -28.39
CA VAL B 171 -31.11 -36.21 -28.85
C VAL B 171 -32.07 -37.39 -28.83
N ARG B 172 -32.93 -37.41 -27.83
CA ARG B 172 -33.87 -38.51 -27.66
C ARG B 172 -35.01 -38.41 -28.66
N GLN B 173 -35.53 -37.20 -28.88
CA GLN B 173 -36.58 -36.96 -29.87
C GLN B 173 -36.56 -35.53 -30.39
N ALA B 174 -37.02 -35.38 -31.64
CA ALA B 174 -37.05 -34.09 -32.29
C ALA B 174 -38.42 -33.82 -32.89
N TRP B 175 -38.88 -32.58 -32.77
CA TRP B 175 -40.10 -32.13 -33.43
C TRP B 175 -39.80 -30.89 -34.27
N ILE B 176 -40.62 -30.67 -35.31
CA ILE B 176 -40.46 -29.49 -36.16
C ILE B 176 -41.81 -28.91 -36.61
N GLY B 177 -41.86 -27.58 -36.63
CA GLY B 177 -42.98 -26.86 -37.19
C GLY B 177 -42.50 -26.01 -38.35
N GLU B 178 -43.39 -25.15 -38.82
CA GLU B 178 -43.08 -24.21 -39.89
C GLU B 178 -42.12 -23.15 -39.37
N GLU B 179 -42.39 -22.66 -38.17
CA GLU B 179 -41.55 -21.60 -37.62
C GLU B 179 -40.86 -21.89 -36.29
N THR B 180 -41.16 -23.03 -35.68
CA THR B 180 -40.49 -23.44 -34.44
C THR B 180 -39.86 -24.84 -34.55
N SER B 181 -38.92 -25.14 -33.65
CA SER B 181 -38.35 -26.48 -33.55
C SER B 181 -38.11 -26.84 -32.09
N LEU B 182 -38.18 -28.15 -31.80
CA LEU B 182 -37.97 -28.63 -30.43
C LEU B 182 -37.13 -29.91 -30.37
N LEU B 183 -36.16 -29.93 -29.46
CA LEU B 183 -35.35 -31.13 -29.20
C LEU B 183 -35.46 -31.60 -27.74
N GLU B 184 -35.73 -32.90 -27.58
CA GLU B 184 -35.67 -33.54 -26.26
C GLU B 184 -34.27 -34.13 -26.07
N ILE B 185 -33.57 -33.65 -25.05
CA ILE B 185 -32.17 -33.97 -24.84
C ILE B 185 -31.99 -34.70 -23.52
N GLU B 186 -31.19 -35.76 -23.54
CA GLU B 186 -30.84 -36.49 -22.35
C GLU B 186 -29.36 -36.82 -22.36
N VAL B 187 -28.82 -37.27 -21.22
CA VAL B 187 -27.43 -37.72 -21.15
C VAL B 187 -27.27 -39.08 -21.84
N PRO B 188 -26.41 -39.15 -22.88
CA PRO B 188 -26.14 -40.40 -23.59
C PRO B 188 -25.56 -41.45 -22.67
N LYS B 189 -26.11 -42.66 -22.74
CA LYS B 189 -25.76 -43.73 -21.82
C LYS B 189 -24.26 -44.05 -21.84
N ALA B 190 -23.65 -43.89 -23.01
CA ALA B 190 -22.21 -44.05 -23.16
C ALA B 190 -21.40 -42.93 -22.49
N LEU B 191 -21.99 -41.75 -22.36
CA LEU B 191 -21.29 -40.61 -21.75
C LEU B 191 -21.44 -40.51 -20.23
N ALA B 192 -22.57 -41.01 -19.71
CA ALA B 192 -22.90 -40.99 -18.27
C ALA B 192 -21.73 -40.98 -17.28
N PHE B 193 -20.81 -41.94 -17.42
CA PHE B 193 -19.73 -42.15 -16.45
C PHE B 193 -18.65 -41.05 -16.44
N GLN B 194 -18.69 -40.18 -17.44
CA GLN B 194 -17.69 -39.10 -17.61
C GLN B 194 -18.11 -37.78 -16.99
N LEU B 195 -19.41 -37.65 -16.68
CA LEU B 195 -19.93 -36.46 -16.03
C LEU B 195 -19.35 -36.28 -14.62
N ALA B 196 -19.13 -35.02 -14.21
CA ALA B 196 -18.47 -34.75 -12.95
C ALA B 196 -18.93 -33.43 -12.35
N GLY B 197 -20.25 -33.24 -12.32
CA GLY B 197 -20.84 -32.12 -11.60
C GLY B 197 -20.64 -30.75 -12.22
N GLU B 198 -20.08 -30.71 -13.42
CA GLU B 198 -20.05 -29.50 -14.22
C GLU B 198 -21.50 -29.12 -14.54
N PRO B 199 -21.81 -27.81 -14.54
CA PRO B 199 -23.19 -27.35 -14.83
C PRO B 199 -23.78 -27.96 -16.11
N ILE B 200 -22.98 -28.02 -17.17
CA ILE B 200 -23.42 -28.48 -18.48
C ILE B 200 -22.19 -29.05 -19.21
N HIS B 201 -22.30 -30.28 -19.68
CA HIS B 201 -21.21 -30.92 -20.41
C HIS B 201 -21.19 -30.42 -21.85
N PRO B 202 -19.97 -30.31 -22.45
CA PRO B 202 -19.88 -29.90 -23.85
C PRO B 202 -20.93 -30.57 -24.75
N VAL B 203 -21.08 -31.89 -24.62
CA VAL B 203 -22.02 -32.65 -25.45
C VAL B 203 -23.46 -32.12 -25.34
N LEU B 204 -23.88 -31.79 -24.12
CA LEU B 204 -25.26 -31.38 -23.89
C LEU B 204 -25.53 -29.96 -24.38
N ILE B 205 -24.54 -29.08 -24.26
CA ILE B 205 -24.66 -27.77 -24.84
C ILE B 205 -24.59 -27.87 -26.37
N ASP B 206 -23.80 -28.81 -26.89
CA ASP B 206 -23.76 -29.01 -28.33
C ASP B 206 -25.09 -29.51 -28.89
N ALA B 207 -25.72 -30.43 -28.16
CA ALA B 207 -26.99 -30.99 -28.58
C ALA B 207 -28.08 -29.93 -28.80
N CYS B 208 -28.01 -28.83 -28.03
CA CYS B 208 -28.97 -27.73 -28.14
C CYS B 208 -28.92 -27.02 -29.47
N THR B 209 -27.81 -27.15 -30.19
CA THR B 209 -27.61 -26.38 -31.41
C THR B 209 -27.97 -27.16 -32.66
N ARG B 210 -28.53 -28.34 -32.47
CA ARG B 210 -28.62 -29.33 -33.54
C ARG B 210 -29.86 -29.22 -34.44
N LEU B 211 -30.80 -28.34 -34.12
CA LEU B 211 -32.00 -28.19 -34.94
C LEU B 211 -32.51 -26.76 -35.01
N THR B 212 -32.97 -26.38 -36.20
CA THR B 212 -33.70 -25.14 -36.45
C THR B 212 -34.93 -25.49 -37.29
N PRO B 213 -35.93 -24.59 -37.38
CA PRO B 213 -37.13 -24.92 -38.17
C PRO B 213 -36.88 -24.86 -39.67
N ASP B 214 -35.71 -24.38 -40.07
CA ASP B 214 -35.34 -24.28 -41.47
C ASP B 214 -34.05 -25.02 -41.80
N LEU B 215 -33.63 -25.91 -40.89
CA LEU B 215 -32.46 -26.75 -41.11
C LEU B 215 -32.52 -27.48 -42.45
N PHE B 216 -33.71 -27.61 -43.02
CA PHE B 216 -33.89 -28.36 -44.25
C PHE B 216 -33.66 -27.58 -45.54
N ASP B 217 -33.94 -26.27 -45.51
CA ASP B 217 -33.65 -25.43 -46.67
C ASP B 217 -32.17 -24.96 -46.70
N PHE B 218 -31.30 -25.80 -46.16
CA PHE B 218 -29.85 -25.65 -46.25
C PHE B 218 -29.19 -27.03 -46.25
N SER B 219 -28.09 -27.23 -46.99
CA SER B 219 -27.53 -26.24 -47.91
C SER B 219 -27.11 -26.94 -49.21
N SER B 220 -25.85 -27.36 -49.30
CA SER B 220 -25.32 -28.03 -50.47
C SER B 220 -24.82 -29.45 -50.20
N ASP B 221 -25.08 -30.34 -51.17
CA ASP B 221 -24.44 -31.64 -51.18
C ASP B 221 -23.08 -31.54 -51.87
N SER B 222 -22.26 -30.64 -51.33
CA SER B 222 -20.84 -30.55 -51.63
C SER B 222 -20.07 -31.06 -50.42
N GLY B 223 -20.80 -31.23 -49.31
CA GLY B 223 -20.26 -31.86 -48.12
C GLY B 223 -19.55 -30.92 -47.17
N VAL B 224 -19.56 -29.62 -47.47
CA VAL B 224 -18.85 -28.63 -46.67
C VAL B 224 -19.57 -28.37 -45.34
N PHE B 225 -18.79 -28.40 -44.27
CA PHE B 225 -19.26 -28.28 -42.89
C PHE B 225 -19.61 -26.83 -42.51
N TRP B 226 -20.64 -26.69 -41.68
CA TRP B 226 -20.99 -25.39 -41.09
C TRP B 226 -20.44 -25.33 -39.67
N ALA B 227 -19.36 -24.57 -39.52
CA ALA B 227 -18.65 -24.45 -38.25
C ALA B 227 -19.19 -23.30 -37.40
N PRO B 228 -19.46 -23.56 -36.11
CA PRO B 228 -19.81 -22.48 -35.19
C PRO B 228 -18.71 -21.44 -35.19
N TRP B 229 -19.10 -20.19 -35.28
CA TRP B 229 -18.18 -19.09 -35.53
C TRP B 229 -18.19 -18.12 -34.35
N ARG B 230 -19.40 -17.75 -33.91
CA ARG B 230 -19.55 -16.88 -32.75
C ARG B 230 -20.93 -16.98 -32.10
N VAL B 231 -20.99 -16.57 -30.83
CA VAL B 231 -22.21 -16.57 -30.03
C VAL B 231 -22.27 -15.25 -29.25
N LYS B 232 -23.38 -14.53 -29.37
CA LYS B 232 -23.53 -13.22 -28.76
C LYS B 232 -23.62 -13.32 -27.24
N GLU B 233 -24.53 -14.16 -26.76
CA GLU B 233 -24.73 -14.36 -25.34
C GLU B 233 -25.19 -15.78 -25.07
N MSE B 234 -24.72 -16.34 -23.97
CA MSE B 234 -25.16 -17.65 -23.50
C MSE B 234 -25.34 -17.56 -21.99
O MSE B 234 -24.39 -17.28 -21.27
CB MSE B 234 -24.15 -18.74 -23.86
CG MSE B 234 -24.68 -20.17 -23.78
SE MSE B 234 -24.86 -20.91 -21.96
CE MSE B 234 -26.20 -22.30 -22.33
N THR B 235 -26.56 -17.78 -21.53
CA THR B 235 -26.82 -17.72 -20.09
C THR B 235 -27.32 -19.07 -19.58
N LEU B 236 -26.94 -19.40 -18.35
CA LEU B 236 -27.39 -20.61 -17.68
C LEU B 236 -27.70 -20.32 -16.20
N SER B 237 -28.92 -20.62 -15.78
CA SER B 237 -29.37 -20.34 -14.41
C SER B 237 -29.01 -21.40 -13.39
N HIS B 238 -29.02 -22.67 -13.81
CA HIS B 238 -28.66 -23.78 -12.94
C HIS B 238 -28.14 -24.97 -13.77
N PRO B 239 -27.54 -25.96 -13.10
CA PRO B 239 -27.12 -27.17 -13.84
C PRO B 239 -28.26 -27.84 -14.62
N THR B 240 -27.91 -28.48 -15.73
CA THR B 240 -28.90 -29.14 -16.56
C THR B 240 -29.49 -30.34 -15.81
N PRO B 241 -30.81 -30.57 -15.94
CA PRO B 241 -31.37 -31.80 -15.40
C PRO B 241 -31.02 -32.97 -16.32
N SER B 242 -31.33 -34.20 -15.92
CA SER B 242 -31.03 -35.37 -16.74
C SER B 242 -31.79 -35.37 -18.09
N ARG B 243 -33.00 -34.81 -18.11
CA ARG B 243 -33.73 -34.55 -19.37
C ARG B 243 -34.21 -33.11 -19.44
N PHE B 244 -33.94 -32.47 -20.59
CA PHE B 244 -34.39 -31.10 -20.86
C PHE B 244 -34.67 -30.88 -22.35
N TYR B 245 -35.07 -29.67 -22.71
CA TYR B 245 -35.49 -29.35 -24.06
C TYR B 245 -34.73 -28.16 -24.66
N ALA B 246 -34.63 -28.14 -25.98
CA ALA B 246 -34.04 -27.01 -26.70
C ALA B 246 -35.07 -26.47 -27.68
N TYR B 247 -35.41 -25.20 -27.50
CA TYR B 247 -36.54 -24.59 -28.22
C TYR B 247 -36.06 -23.47 -29.12
N VAL B 248 -36.40 -23.57 -30.40
CA VAL B 248 -36.07 -22.52 -31.36
C VAL B 248 -37.37 -21.87 -31.84
N GLU B 249 -37.49 -20.57 -31.61
CA GLU B 249 -38.75 -19.86 -31.86
C GLU B 249 -38.90 -19.28 -33.26
N GLU B 250 -37.77 -18.98 -33.89
CA GLU B 250 -37.75 -18.34 -35.21
C GLU B 250 -36.77 -19.06 -36.13
N PRO B 251 -37.03 -19.02 -37.45
CA PRO B 251 -36.08 -19.59 -38.42
C PRO B 251 -34.72 -18.87 -38.36
N SER B 252 -33.66 -19.58 -38.72
CA SER B 252 -32.32 -19.00 -38.71
C SER B 252 -32.18 -17.83 -39.69
N ARG B 253 -31.60 -16.73 -39.20
CA ARG B 253 -31.32 -15.55 -40.03
C ARG B 253 -30.10 -15.79 -40.91
N VAL B 254 -30.21 -15.45 -42.18
CA VAL B 254 -29.19 -15.76 -43.18
C VAL B 254 -28.54 -14.50 -43.73
N ASN B 255 -27.20 -14.44 -43.64
CA ASN B 255 -26.44 -13.34 -44.19
C ASN B 255 -25.55 -13.83 -45.34
N GLU B 256 -26.01 -13.60 -46.57
CA GLU B 256 -25.42 -14.22 -47.76
C GLU B 256 -23.99 -13.76 -48.09
N GLN B 257 -23.78 -12.45 -48.17
CA GLN B 257 -22.48 -11.94 -48.59
C GLN B 257 -21.41 -12.07 -47.51
N LEU B 258 -21.81 -12.63 -46.36
CA LEU B 258 -20.91 -12.92 -45.26
C LEU B 258 -20.93 -14.41 -44.91
N GLN B 259 -21.93 -15.12 -45.44
CA GLN B 259 -22.08 -16.57 -45.30
C GLN B 259 -22.20 -17.03 -43.85
N THR B 260 -23.17 -16.48 -43.13
CA THR B 260 -23.32 -16.74 -41.69
C THR B 260 -24.78 -16.92 -41.22
N ARG B 261 -25.20 -18.18 -41.10
CA ARG B 261 -26.50 -18.53 -40.52
C ARG B 261 -26.50 -18.36 -38.99
N SER B 262 -27.51 -17.68 -38.46
CA SER B 262 -27.57 -17.32 -37.04
C SER B 262 -28.93 -17.64 -36.41
N TYR B 263 -28.93 -18.18 -35.19
CA TYR B 263 -30.20 -18.49 -34.50
C TYR B 263 -30.16 -18.42 -32.97
N ASP B 264 -31.34 -18.58 -32.35
CA ASP B 264 -31.50 -18.54 -30.91
C ASP B 264 -32.10 -19.83 -30.36
N ILE B 265 -31.61 -20.28 -29.21
CA ILE B 265 -32.13 -21.49 -28.56
C ILE B 265 -32.49 -21.21 -27.11
N GLN B 266 -33.71 -21.59 -26.70
CA GLN B 266 -34.13 -21.54 -25.30
C GLN B 266 -33.94 -22.91 -24.71
N LEU B 267 -33.34 -22.97 -23.53
CA LEU B 267 -33.20 -24.23 -22.79
C LEU B 267 -34.32 -24.33 -21.76
N LEU B 268 -35.16 -25.36 -21.88
CA LEU B 268 -36.29 -25.55 -20.99
C LEU B 268 -36.16 -26.86 -20.20
N ASP B 269 -36.55 -26.86 -18.93
CA ASP B 269 -36.45 -28.06 -18.09
C ASP B 269 -37.57 -29.04 -18.39
N GLU B 270 -37.71 -30.07 -17.56
CA GLU B 270 -38.75 -31.09 -17.75
C GLU B 270 -40.19 -30.55 -17.68
N THR B 271 -40.40 -29.50 -16.89
CA THR B 271 -41.72 -28.86 -16.76
C THR B 271 -42.03 -27.93 -17.93
N GLY B 272 -40.99 -27.51 -18.65
CA GLY B 272 -41.15 -26.54 -19.73
C GLY B 272 -40.67 -25.17 -19.33
N GLN B 273 -40.08 -25.07 -18.14
CA GLN B 273 -39.57 -23.82 -17.57
C GLN B 273 -38.19 -23.47 -18.14
N ALA B 274 -38.02 -22.23 -18.60
CA ALA B 274 -36.73 -21.77 -19.15
C ALA B 274 -35.70 -21.62 -18.04
N PHE B 275 -34.48 -22.08 -18.29
CA PHE B 275 -33.40 -21.98 -17.33
C PHE B 275 -32.07 -21.61 -17.97
N GLY B 276 -32.10 -21.39 -19.28
CA GLY B 276 -30.92 -20.98 -20.01
C GLY B 276 -31.23 -20.54 -21.42
N ARG B 277 -30.27 -19.87 -22.05
CA ARG B 277 -30.46 -19.39 -23.41
C ARG B 277 -29.13 -19.31 -24.15
N ILE B 278 -29.17 -19.54 -25.46
CA ILE B 278 -28.06 -19.27 -26.37
C ILE B 278 -28.53 -18.25 -27.44
N ASN B 279 -27.97 -17.05 -27.40
CA ASN B 279 -28.34 -15.98 -28.34
C ASN B 279 -27.30 -15.71 -29.42
N GLY B 280 -27.79 -15.59 -30.64
CA GLY B 280 -26.94 -15.28 -31.77
C GLY B 280 -25.92 -16.36 -32.07
N PHE B 281 -26.35 -17.62 -31.95
CA PHE B 281 -25.51 -18.75 -32.32
C PHE B 281 -25.29 -18.76 -33.84
N THR B 282 -24.07 -18.41 -34.26
CA THR B 282 -23.73 -18.29 -35.66
C THR B 282 -22.81 -19.39 -36.18
N VAL B 283 -23.22 -20.04 -37.27
CA VAL B 283 -22.37 -20.98 -38.00
C VAL B 283 -21.89 -20.33 -39.30
N LYS B 284 -20.73 -20.75 -39.77
CA LYS B 284 -20.17 -20.28 -41.03
C LYS B 284 -19.60 -21.47 -41.79
N ARG B 285 -19.65 -21.41 -43.11
CA ARG B 285 -19.08 -22.46 -43.96
C ARG B 285 -17.60 -22.57 -43.75
N ALA B 286 -17.13 -23.80 -43.53
CA ALA B 286 -15.71 -24.07 -43.37
C ALA B 286 -15.31 -25.34 -44.12
N PRO B 287 -14.71 -25.17 -45.32
CA PRO B 287 -14.19 -26.29 -46.10
C PRO B 287 -13.03 -26.97 -45.37
N SER B 288 -12.88 -28.27 -45.58
CA SER B 288 -11.89 -29.09 -44.89
C SER B 288 -10.46 -28.56 -44.94
N GLN B 289 -10.06 -28.03 -46.11
CA GLN B 289 -8.71 -27.50 -46.28
C GLN B 289 -8.45 -26.29 -45.37
N LEU B 290 -9.46 -25.45 -45.19
CA LEU B 290 -9.35 -24.30 -44.32
C LEU B 290 -9.55 -24.70 -42.85
N PHE B 291 -10.51 -25.59 -42.62
CA PHE B 291 -10.95 -25.95 -41.27
C PHE B 291 -9.92 -26.77 -40.49
N LEU B 292 -9.42 -27.84 -41.07
CA LEU B 292 -8.46 -28.69 -40.36
C LEU B 292 -7.00 -28.35 -40.70
N LYS B 293 -6.72 -27.06 -40.91
CA LYS B 293 -5.35 -26.59 -41.13
C LYS B 293 -5.17 -25.15 -40.65
N GLN C 7 -10.31 27.21 22.17
CA GLN C 7 -11.67 26.61 22.00
C GLN C 7 -11.74 25.80 20.69
N VAL C 8 -12.96 25.42 20.27
CA VAL C 8 -13.13 24.37 19.25
C VAL C 8 -14.43 24.46 18.44
N HIS C 9 -14.27 24.57 17.13
CA HIS C 9 -15.39 24.55 16.18
C HIS C 9 -16.00 23.15 16.13
N ARG C 10 -17.32 23.07 16.20
CA ARG C 10 -18.03 21.80 16.10
C ARG C 10 -17.64 20.94 14.90
N LEU C 11 -17.47 21.58 13.74
CA LEU C 11 -17.19 20.87 12.50
C LEU C 11 -15.69 20.59 12.30
N LEU C 12 -14.85 21.61 12.49
CA LEU C 12 -13.44 21.49 12.17
C LEU C 12 -12.56 20.98 13.32
N GLY C 13 -13.01 21.18 14.55
CA GLY C 13 -12.19 20.88 15.70
C GLY C 13 -11.27 22.02 16.05
N ASN C 14 -10.06 21.65 16.49
CA ASN C 14 -9.07 22.61 16.95
C ASN C 14 -8.19 23.12 15.83
N LYS C 15 -7.96 24.42 15.82
CA LYS C 15 -7.14 25.08 14.82
C LYS C 15 -5.71 25.24 15.32
N LEU C 16 -4.75 24.77 14.54
CA LEU C 16 -3.34 24.99 14.86
C LEU C 16 -2.62 25.57 13.66
N GLU C 17 -2.00 26.74 13.85
CA GLU C 17 -1.18 27.36 12.81
C GLU C 17 0.29 27.01 13.01
N LEU C 18 0.88 26.41 11.99
CA LEU C 18 2.25 25.93 12.09
C LEU C 18 3.23 27.04 11.82
N ALA C 19 4.08 27.28 12.81
CA ALA C 19 4.99 28.41 12.74
C ALA C 19 6.02 28.22 11.63
N SER C 20 6.43 26.96 11.42
CA SER C 20 7.51 26.61 10.51
C SER C 20 7.13 26.78 9.02
N THR C 21 5.91 26.36 8.68
CA THR C 21 5.48 26.21 7.29
C THR C 21 4.44 27.23 6.83
N GLY C 22 3.67 27.75 7.77
CA GLY C 22 2.48 28.55 7.45
C GLY C 22 1.32 27.63 7.06
N GLN C 23 1.37 26.40 7.54
CA GLN C 23 0.25 25.48 7.35
C GLN C 23 -0.76 25.67 8.46
N THR C 24 -1.94 25.08 8.27
CA THR C 24 -2.98 25.07 9.28
C THR C 24 -3.51 23.66 9.42
N ILE C 25 -3.54 23.15 10.65
CA ILE C 25 -4.13 21.83 10.91
C ILE C 25 -5.38 22.04 11.72
N TYR C 26 -6.46 21.40 11.29
CA TYR C 26 -7.65 21.27 12.09
C TYR C 26 -7.77 19.84 12.61
N HIS C 27 -7.63 19.67 13.91
CA HIS C 27 -7.63 18.32 14.48
C HIS C 27 -8.74 18.12 15.50
N GLN C 28 -9.40 16.96 15.42
CA GLN C 28 -10.47 16.60 16.35
C GLN C 28 -10.60 15.10 16.44
N ASP C 29 -11.31 14.64 17.45
CA ASP C 29 -11.64 13.24 17.57
C ASP C 29 -13.08 13.03 17.10
N ILE C 30 -13.24 12.25 16.04
CA ILE C 30 -14.56 12.02 15.48
C ILE C 30 -15.14 10.72 16.01
N ASN C 31 -16.34 10.84 16.60
CA ASN C 31 -17.13 9.70 17.03
C ASN C 31 -18.61 10.07 17.08
N LEU C 32 -19.46 9.14 17.50
CA LEU C 32 -20.90 9.39 17.55
C LEU C 32 -21.31 10.37 18.66
N ASN C 33 -20.45 10.53 19.65
CA ASN C 33 -20.64 11.55 20.68
C ASN C 33 -20.46 12.96 20.14
N ASN C 34 -19.32 13.19 19.50
CA ASN C 34 -18.99 14.46 18.87
C ASN C 34 -19.95 14.79 17.73
N HIS C 35 -20.17 13.78 16.88
CA HIS C 35 -20.87 13.93 15.62
C HIS C 35 -21.95 12.86 15.47
N PRO C 36 -23.03 12.96 16.29
CA PRO C 36 -24.08 11.94 16.22
C PRO C 36 -24.68 11.76 14.84
N TRP C 37 -24.57 12.78 13.98
CA TRP C 37 -25.18 12.73 12.65
C TRP C 37 -24.65 11.59 11.78
N ILE C 38 -23.39 11.22 11.98
CA ILE C 38 -22.78 10.15 11.18
C ILE C 38 -23.56 8.86 11.37
N GLY C 39 -24.04 8.63 12.58
CA GLY C 39 -24.85 7.46 12.88
C GLY C 39 -26.13 7.37 12.08
N ASP C 40 -26.53 8.48 11.47
CA ASP C 40 -27.71 8.50 10.61
C ASP C 40 -27.38 8.53 9.11
N HIS C 41 -26.10 8.43 8.77
CA HIS C 41 -25.66 8.18 7.39
C HIS C 41 -25.07 6.77 7.29
N ARG C 42 -25.93 5.79 7.07
CA ARG C 42 -25.53 4.39 7.16
C ARG C 42 -25.40 3.73 5.79
N VAL C 43 -24.18 3.32 5.46
CA VAL C 43 -23.93 2.46 4.30
C VAL C 43 -23.55 1.06 4.79
N TYR C 44 -24.21 0.04 4.25
CA TYR C 44 -24.08 -1.34 4.74
C TYR C 44 -24.24 -1.39 6.25
N ASP C 45 -25.25 -0.67 6.73
CA ASP C 45 -25.55 -0.52 8.16
C ASP C 45 -24.33 -0.11 9.00
N THR C 46 -23.43 0.65 8.38
CA THR C 46 -22.25 1.17 9.07
C THR C 46 -22.22 2.70 8.96
N PRO C 47 -22.10 3.39 10.11
CA PRO C 47 -21.98 4.84 10.06
C PRO C 47 -20.73 5.22 9.27
N VAL C 48 -20.93 5.98 8.20
CA VAL C 48 -19.86 6.42 7.30
C VAL C 48 -20.02 7.90 7.00
N ILE C 49 -18.90 8.62 6.94
CA ILE C 49 -18.86 10.03 6.55
C ILE C 49 -18.87 10.13 5.03
N PRO C 50 -19.93 10.72 4.45
CA PRO C 50 -19.92 10.90 3.01
C PRO C 50 -18.84 11.92 2.58
N GLY C 51 -18.22 11.62 1.44
CA GLY C 51 -17.09 12.40 0.91
C GLY C 51 -17.28 13.90 0.89
N VAL C 52 -18.45 14.36 0.46
CA VAL C 52 -18.72 15.80 0.37
C VAL C 52 -18.54 16.57 1.70
N SER C 53 -18.51 15.85 2.82
CA SER C 53 -18.28 16.45 4.13
C SER C 53 -16.97 17.19 4.18
N TYR C 54 -15.96 16.64 3.52
CA TYR C 54 -14.64 17.26 3.52
C TYR C 54 -14.63 18.57 2.75
N ILE C 55 -15.47 18.66 1.72
CA ILE C 55 -15.65 19.92 0.99
C ILE C 55 -16.24 20.93 1.97
N ALA C 56 -17.27 20.51 2.69
CA ALA C 56 -17.90 21.32 3.72
C ALA C 56 -16.87 21.85 4.69
N MSE C 57 -15.99 20.96 5.16
CA MSE C 57 -14.96 21.33 6.14
C MSE C 57 -13.99 22.37 5.58
O MSE C 57 -13.65 23.35 6.25
CB MSE C 57 -14.19 20.10 6.60
CG MSE C 57 -15.02 19.17 7.45
SE MSE C 57 -14.00 17.60 7.97
CE MSE C 57 -13.00 18.33 9.48
N THR C 58 -13.55 22.14 4.36
CA THR C 58 -12.61 23.03 3.69
C THR C 58 -13.23 24.41 3.51
N LEU C 59 -14.49 24.42 3.06
CA LEU C 59 -15.23 25.66 2.90
C LEU C 59 -15.37 26.38 4.24
N ALA C 60 -15.51 25.61 5.32
CA ALA C 60 -15.57 26.19 6.65
C ALA C 60 -14.22 26.78 7.08
N ALA C 61 -13.12 26.20 6.59
CA ALA C 61 -11.78 26.68 6.94
C ALA C 61 -11.40 27.98 6.24
N VAL C 62 -11.73 28.08 4.95
CA VAL C 62 -11.31 29.22 4.14
C VAL C 62 -12.37 30.31 4.02
N GLY C 63 -13.64 29.95 4.28
CA GLY C 63 -14.75 30.88 4.14
C GLY C 63 -15.22 31.03 2.71
N VAL C 64 -16.46 31.48 2.54
CA VAL C 64 -17.05 31.70 1.21
C VAL C 64 -17.13 33.20 0.94
N PRO C 65 -17.16 33.62 -0.34
CA PRO C 65 -17.16 32.80 -1.54
C PRO C 65 -15.82 32.10 -1.77
N ALA C 66 -15.90 30.87 -2.29
CA ALA C 66 -14.73 30.03 -2.51
C ALA C 66 -15.05 29.01 -3.58
N ALA C 67 -13.99 28.45 -4.15
CA ALA C 67 -14.10 27.42 -5.17
C ALA C 67 -13.11 26.31 -4.82
N VAL C 68 -13.57 25.06 -4.90
CA VAL C 68 -12.72 23.92 -4.54
C VAL C 68 -12.63 23.00 -5.73
N GLU C 69 -11.40 22.66 -6.13
CA GLU C 69 -11.22 21.89 -7.35
C GLU C 69 -10.36 20.64 -7.17
N ASP C 70 -10.47 19.73 -8.14
CA ASP C 70 -9.78 18.43 -8.13
C ASP C 70 -9.94 17.68 -6.80
N ILE C 71 -11.20 17.42 -6.46
CA ILE C 71 -11.54 16.75 -5.22
C ILE C 71 -11.53 15.25 -5.45
N ASN C 72 -10.80 14.53 -4.60
CA ASN C 72 -10.81 13.07 -4.63
C ASN C 72 -11.11 12.46 -3.26
N PHE C 73 -11.88 11.38 -3.27
CA PHE C 73 -12.11 10.61 -2.06
C PHE C 73 -11.44 9.26 -2.18
N GLN C 74 -10.64 8.95 -1.16
CA GLN C 74 -9.97 7.66 -1.08
C GLN C 74 -10.82 6.74 -0.22
N GLN C 75 -10.22 6.12 0.81
CA GLN C 75 -11.02 5.26 1.68
C GLN C 75 -11.93 6.08 2.60
N PRO C 76 -13.15 5.55 2.85
CA PRO C 76 -14.09 6.21 3.76
C PRO C 76 -13.65 6.20 5.22
N LEU C 77 -14.05 7.23 5.97
CA LEU C 77 -13.97 7.23 7.42
C LEU C 77 -15.25 6.61 7.95
N PHE C 78 -15.14 5.39 8.48
CA PHE C 78 -16.31 4.71 9.05
C PHE C 78 -16.14 4.43 10.55
N LEU C 79 -17.25 4.26 11.23
CA LEU C 79 -17.24 3.97 12.66
C LEU C 79 -17.82 2.58 12.86
N ALA C 80 -16.93 1.61 12.96
CA ALA C 80 -17.33 0.20 13.06
C ALA C 80 -18.23 -0.02 14.27
N GLU C 81 -17.71 0.31 15.45
CA GLU C 81 -18.42 0.13 16.70
C GLU C 81 -19.01 1.42 17.23
N SER C 82 -20.01 1.27 18.11
CA SER C 82 -20.72 2.39 18.71
C SER C 82 -19.78 3.40 19.37
N ASN C 83 -18.65 2.91 19.87
CA ASN C 83 -17.69 3.75 20.63
C ASN C 83 -16.39 4.06 19.89
N THR C 84 -16.33 3.68 18.62
CA THR C 84 -15.15 3.96 17.79
C THR C 84 -14.87 5.46 17.71
N THR C 85 -13.61 5.81 18.00
CA THR C 85 -13.10 7.18 17.88
C THR C 85 -12.02 7.18 16.83
N ARG C 86 -12.12 8.10 15.89
CA ARG C 86 -11.08 8.30 14.90
C ARG C 86 -10.46 9.68 15.05
N GLU C 87 -9.17 9.70 15.31
CA GLU C 87 -8.36 10.91 15.40
C GLU C 87 -8.22 11.48 13.98
N THR C 88 -8.82 12.64 13.73
CA THR C 88 -8.93 13.17 12.38
C THR C 88 -8.15 14.47 12.20
N GLN C 89 -7.54 14.64 11.04
CA GLN C 89 -6.73 15.83 10.76
C GLN C 89 -6.98 16.33 9.35
N LEU C 90 -7.41 17.59 9.24
CA LEU C 90 -7.53 18.26 7.96
C LEU C 90 -6.35 19.21 7.84
N MSE C 91 -5.52 18.99 6.83
CA MSE C 91 -4.31 19.77 6.64
C MSE C 91 -4.47 20.76 5.48
O MSE C 91 -4.71 20.36 4.33
CB MSE C 91 -3.13 18.81 6.45
CG MSE C 91 -1.78 19.45 6.12
SE MSE C 91 -0.90 20.36 7.64
CE MSE C 91 0.88 19.55 7.41
N LEU C 92 -4.38 22.05 5.80
CA LEU C 92 -4.53 23.10 4.80
C LEU C 92 -3.16 23.66 4.51
N HIS C 93 -2.64 23.36 3.33
CA HIS C 93 -1.28 23.73 3.01
C HIS C 93 -1.12 25.21 2.75
N THR C 94 0.11 25.69 2.87
CA THR C 94 0.39 27.08 2.59
C THR C 94 0.27 27.30 1.06
N ALA C 95 -0.30 28.43 0.67
CA ALA C 95 -0.57 28.70 -0.75
C ALA C 95 0.71 28.61 -1.57
N ASP C 96 0.58 28.05 -2.78
CA ASP C 96 1.72 27.88 -3.67
C ASP C 96 1.96 29.12 -4.56
N ASN C 97 2.79 28.95 -5.59
CA ASN C 97 3.10 30.03 -6.52
C ASN C 97 1.90 30.54 -7.29
N VAL C 98 0.98 29.65 -7.66
CA VAL C 98 -0.26 30.05 -8.32
C VAL C 98 -1.29 30.52 -7.29
N GLY C 99 -0.97 30.35 -6.02
CA GLY C 99 -1.82 30.80 -4.92
C GLY C 99 -2.89 29.80 -4.51
N LYS C 100 -2.80 28.57 -5.01
CA LYS C 100 -3.69 27.47 -4.64
C LYS C 100 -3.28 26.87 -3.29
N GLN C 101 -4.27 26.43 -2.52
CA GLN C 101 -4.02 25.77 -1.23
C GLN C 101 -4.44 24.31 -1.32
N PHE C 102 -3.48 23.42 -1.16
CA PHE C 102 -3.76 21.99 -1.14
C PHE C 102 -4.37 21.62 0.21
N VAL C 103 -5.34 20.71 0.18
CA VAL C 103 -6.01 20.26 1.40
C VAL C 103 -6.03 18.74 1.41
N GLU C 104 -5.72 18.14 2.56
CA GLU C 104 -5.83 16.69 2.69
C GLU C 104 -6.40 16.31 4.05
N VAL C 105 -7.22 15.26 4.07
CA VAL C 105 -7.87 14.78 5.28
C VAL C 105 -7.41 13.37 5.60
N PHE C 106 -6.83 13.20 6.79
CA PHE C 106 -6.35 11.91 7.28
C PHE C 106 -7.06 11.56 8.59
N SER C 107 -7.18 10.26 8.87
CA SER C 107 -7.55 9.80 10.20
C SER C 107 -6.86 8.49 10.54
N ARG C 108 -6.76 8.22 11.85
CA ARG C 108 -6.29 6.94 12.36
C ARG C 108 -7.15 6.61 13.59
N ASP C 109 -7.23 5.33 13.94
CA ASP C 109 -8.00 4.91 15.12
C ASP C 109 -7.40 5.56 16.35
N GLY C 110 -8.27 6.06 17.22
CA GLY C 110 -7.86 6.69 18.46
C GLY C 110 -7.08 5.73 19.34
N ALA C 111 -7.76 4.67 19.79
CA ALA C 111 -7.19 3.71 20.73
C ALA C 111 -5.92 3.02 20.23
N LYS C 112 -6.06 2.12 19.26
CA LYS C 112 -4.97 1.24 18.78
C LYS C 112 -3.71 1.96 18.31
N GLN C 113 -3.86 3.23 17.93
CA GLN C 113 -2.79 4.00 17.30
C GLN C 113 -2.32 3.24 16.05
N GLU C 114 -3.19 3.22 15.05
CA GLU C 114 -2.95 2.53 13.77
C GLU C 114 -2.22 3.46 12.79
N GLU C 115 -2.00 3.00 11.56
CA GLU C 115 -1.39 3.85 10.54
C GLU C 115 -2.44 4.80 9.94
N TRP C 116 -1.99 6.00 9.58
CA TRP C 116 -2.87 7.04 9.08
C TRP C 116 -3.47 6.66 7.73
N GLN C 117 -4.78 6.89 7.60
CA GLN C 117 -5.52 6.60 6.37
C GLN C 117 -5.99 7.91 5.79
N GLN C 118 -5.83 8.09 4.50
CA GLN C 118 -6.30 9.30 3.85
C GLN C 118 -7.74 9.12 3.35
N HIS C 119 -8.55 10.16 3.51
CA HIS C 119 -9.94 10.10 3.09
C HIS C 119 -10.25 11.04 1.94
N ALA C 120 -9.50 12.15 1.87
CA ALA C 120 -9.77 13.17 0.87
C ALA C 120 -8.56 14.04 0.52
N SER C 121 -8.56 14.54 -0.72
CA SER C 121 -7.61 15.56 -1.16
C SER C 121 -8.36 16.53 -2.07
N MSE C 122 -7.93 17.79 -2.08
CA MSE C 122 -8.47 18.79 -2.98
C MSE C 122 -7.63 20.06 -2.96
O MSE C 122 -6.72 20.21 -2.14
CB MSE C 122 -9.93 19.13 -2.63
CG MSE C 122 -10.09 19.88 -1.31
SE MSE C 122 -11.72 19.35 -0.37
CE MSE C 122 -11.23 17.50 0.05
N SER C 123 -7.93 20.97 -3.88
CA SER C 123 -7.30 22.28 -3.93
C SER C 123 -8.34 23.37 -3.79
N VAL C 124 -8.06 24.32 -2.92
CA VAL C 124 -8.81 25.57 -2.88
C VAL C 124 -8.28 26.41 -4.05
N SER C 125 -9.18 26.84 -4.94
CA SER C 125 -8.81 27.68 -6.06
C SER C 125 -8.27 29.03 -5.57
N GLU C 126 -7.30 29.61 -6.28
CA GLU C 126 -6.81 30.96 -5.93
C GLU C 126 -7.78 32.02 -6.42
N ASN C 127 -8.75 31.59 -7.22
CA ASN C 127 -9.74 32.48 -7.80
C ASN C 127 -11.12 32.28 -7.22
N PRO C 128 -11.64 33.30 -6.53
CA PRO C 128 -13.05 33.34 -6.18
C PRO C 128 -13.89 33.02 -7.41
N PRO C 129 -14.92 32.17 -7.27
CA PRO C 129 -15.75 31.91 -8.43
C PRO C 129 -16.32 33.20 -8.98
N PRO C 130 -16.62 33.24 -10.30
CA PRO C 130 -17.34 34.39 -10.83
C PRO C 130 -18.76 34.40 -10.28
N PRO C 131 -19.33 35.60 -10.02
CA PRO C 131 -20.66 35.72 -9.42
C PRO C 131 -21.75 34.99 -10.21
N PRO C 132 -22.62 34.25 -9.50
CA PRO C 132 -23.67 33.40 -10.09
C PRO C 132 -24.52 34.12 -11.12
N THR C 133 -24.79 33.44 -12.23
CA THR C 133 -25.47 34.06 -13.38
C THR C 133 -26.87 33.47 -13.63
N LEU C 134 -26.98 32.17 -13.45
CA LEU C 134 -28.22 31.42 -13.67
C LEU C 134 -29.32 31.79 -12.66
N SER C 135 -30.43 32.28 -13.19
CA SER C 135 -31.66 32.49 -12.41
C SER C 135 -32.64 31.35 -12.70
N VAL C 136 -33.79 31.33 -12.03
CA VAL C 136 -34.86 30.34 -12.25
C VAL C 136 -36.18 30.82 -11.61
N ASP C 137 -37.28 30.72 -12.35
CA ASP C 137 -38.62 30.92 -11.76
C ASP C 137 -39.08 29.63 -11.11
N ILE C 138 -39.08 29.63 -9.77
CA ILE C 138 -39.31 28.41 -9.00
C ILE C 138 -40.76 27.87 -9.02
N PRO C 139 -41.78 28.76 -8.91
CA PRO C 139 -43.15 28.24 -8.96
C PRO C 139 -43.52 27.64 -10.32
N ALA C 140 -42.84 28.08 -11.38
CA ALA C 140 -43.03 27.53 -12.73
C ALA C 140 -42.41 26.14 -12.91
N LEU C 141 -41.24 25.93 -12.33
CA LEU C 141 -40.60 24.62 -12.34
C LEU C 141 -41.49 23.56 -11.70
N CYS C 142 -42.07 23.90 -10.55
CA CYS C 142 -42.95 22.99 -9.82
C CYS C 142 -44.34 22.93 -10.42
N GLU C 143 -44.53 23.59 -11.56
CA GLU C 143 -45.80 23.56 -12.28
C GLU C 143 -45.66 22.79 -13.60
N GLN C 144 -44.42 22.49 -13.99
CA GLN C 144 -44.13 21.71 -15.20
C GLN C 144 -43.52 20.34 -14.89
N LEU C 145 -43.07 20.17 -13.65
CA LEU C 145 -42.57 18.87 -13.21
C LEU C 145 -43.69 18.08 -12.53
N ARG C 146 -43.35 16.92 -11.98
CA ARG C 146 -44.31 16.08 -11.27
C ARG C 146 -43.71 15.57 -9.97
N PRO C 147 -44.27 16.02 -8.82
CA PRO C 147 -43.75 15.73 -7.48
C PRO C 147 -43.58 14.24 -7.19
N LEU C 148 -42.60 13.93 -6.35
CA LEU C 148 -42.30 12.55 -5.98
C LEU C 148 -42.80 12.23 -4.57
N ASP C 149 -43.11 10.95 -4.37
CA ASP C 149 -43.28 10.40 -3.04
C ASP C 149 -41.89 10.00 -2.58
N THR C 150 -41.47 10.54 -1.43
CA THR C 150 -40.13 10.32 -0.89
C THR C 150 -39.84 8.84 -0.60
N ASP C 151 -40.88 8.08 -0.29
CA ASP C 151 -40.76 6.64 -0.07
C ASP C 151 -40.14 5.92 -1.27
N THR C 152 -40.52 6.37 -2.48
CA THR C 152 -39.98 5.80 -3.71
C THR C 152 -38.46 5.96 -3.78
N LEU C 153 -37.98 7.09 -3.27
CA LEU C 153 -36.54 7.38 -3.23
C LEU C 153 -35.83 6.58 -2.14
N THR C 154 -36.48 6.48 -0.97
CA THR C 154 -35.92 5.74 0.17
C THR C 154 -35.64 4.30 -0.21
N GLU C 155 -36.51 3.73 -1.02
CA GLU C 155 -36.37 2.36 -1.49
C GLU C 155 -35.17 2.21 -2.43
N ILE C 156 -34.97 3.20 -3.30
CA ILE C 156 -33.83 3.19 -4.22
C ILE C 156 -32.52 3.19 -3.43
N TYR C 157 -32.43 4.05 -2.42
CA TYR C 157 -31.25 4.12 -1.57
C TYR C 157 -31.05 2.81 -0.83
N ALA C 158 -32.12 2.28 -0.24
CA ALA C 158 -32.07 1.00 0.46
C ALA C 158 -31.59 -0.12 -0.46
N SER C 159 -31.88 0.04 -1.75
CA SER C 159 -31.51 -0.94 -2.77
C SER C 159 -30.02 -0.92 -3.11
N ILE C 160 -29.36 0.17 -2.74
CA ILE C 160 -27.91 0.25 -2.88
C ILE C 160 -27.27 0.31 -1.49
N SER C 161 -27.97 -0.27 -0.51
CA SER C 161 -27.52 -0.35 0.90
C SER C 161 -27.26 0.98 1.58
N LEU C 162 -28.07 1.99 1.24
CA LEU C 162 -27.96 3.33 1.82
C LEU C 162 -29.23 3.67 2.59
N VAL C 163 -29.08 4.11 3.83
CA VAL C 163 -30.22 4.54 4.65
C VAL C 163 -29.92 5.85 5.35
N TYR C 164 -30.79 6.84 5.13
CA TYR C 164 -30.68 8.15 5.74
C TYR C 164 -31.54 8.24 7.00
N GLY C 165 -30.90 8.34 8.16
CA GLY C 165 -31.60 8.52 9.42
C GLY C 165 -32.08 9.96 9.63
N PRO C 166 -32.83 10.20 10.73
CA PRO C 166 -33.46 11.47 11.09
C PRO C 166 -32.60 12.72 10.88
N MSE C 167 -31.30 12.60 11.15
CA MSE C 167 -30.37 13.72 11.08
C MSE C 167 -29.83 13.96 9.68
O MSE C 167 -29.06 14.91 9.45
CB MSE C 167 -29.23 13.50 12.07
CG MSE C 167 -29.44 14.19 13.38
SE MSE C 167 -28.22 13.56 14.76
CE MSE C 167 -29.48 12.62 15.92
N LEU C 168 -30.23 13.10 8.74
CA LEU C 168 -29.84 13.19 7.34
C LEU C 168 -31.03 13.48 6.42
N GLN C 169 -32.24 13.44 7.00
CA GLN C 169 -33.46 13.63 6.22
C GLN C 169 -33.71 15.11 5.94
N ALA C 170 -32.95 15.65 5.00
CA ALA C 170 -32.98 17.08 4.65
C ALA C 170 -33.84 17.36 3.43
N VAL C 171 -34.28 16.30 2.74
CA VAL C 171 -35.05 16.45 1.53
C VAL C 171 -36.54 16.63 1.84
N ARG C 172 -37.00 17.88 1.77
CA ARG C 172 -38.39 18.20 2.04
C ARG C 172 -39.32 17.73 0.90
N GLN C 173 -38.92 17.99 -0.34
CA GLN C 173 -39.73 17.63 -1.50
C GLN C 173 -38.85 17.33 -2.72
N ALA C 174 -39.29 16.41 -3.56
CA ALA C 174 -38.55 16.04 -4.76
C ALA C 174 -39.43 16.09 -6.01
N TRP C 175 -38.88 16.63 -7.09
CA TRP C 175 -39.56 16.62 -8.39
C TRP C 175 -38.68 15.96 -9.44
N ILE C 176 -39.32 15.38 -10.45
CA ILE C 176 -38.60 14.70 -11.53
C ILE C 176 -39.21 14.96 -12.92
N GLY C 177 -38.34 15.23 -13.89
CA GLY C 177 -38.73 15.31 -15.28
C GLY C 177 -37.96 14.25 -16.07
N GLU C 178 -38.11 14.27 -17.39
CA GLU C 178 -37.37 13.35 -18.24
C GLU C 178 -35.92 13.79 -18.41
N GLU C 179 -35.70 15.11 -18.41
CA GLU C 179 -34.37 15.68 -18.60
C GLU C 179 -33.80 16.36 -17.35
N THR C 180 -34.68 16.79 -16.44
CA THR C 180 -34.26 17.55 -15.26
C THR C 180 -34.76 16.96 -13.94
N SER C 181 -34.13 17.35 -12.83
CA SER C 181 -34.58 16.98 -11.48
C SER C 181 -34.43 18.16 -10.51
N LEU C 182 -35.28 18.20 -9.49
CA LEU C 182 -35.21 19.26 -8.47
C LEU C 182 -35.49 18.75 -7.05
N LEU C 183 -34.62 19.11 -6.11
CA LEU C 183 -34.79 18.78 -4.69
C LEU C 183 -34.99 20.05 -3.85
N GLU C 184 -36.01 20.05 -3.00
CA GLU C 184 -36.19 21.10 -2.00
C GLU C 184 -35.54 20.65 -0.70
N ILE C 185 -34.56 21.41 -0.24
CA ILE C 185 -33.72 21.00 0.89
C ILE C 185 -33.82 21.98 2.05
N GLU C 186 -33.99 21.43 3.26
CA GLU C 186 -34.07 22.21 4.50
C GLU C 186 -33.21 21.55 5.58
N VAL C 187 -32.97 22.28 6.68
CA VAL C 187 -32.22 21.77 7.83
C VAL C 187 -33.07 20.77 8.60
N PRO C 188 -32.64 19.49 8.65
CA PRO C 188 -33.43 18.50 9.41
C PRO C 188 -33.58 18.95 10.86
N LYS C 189 -34.80 18.84 11.38
CA LYS C 189 -35.12 19.26 12.75
C LYS C 189 -34.16 18.64 13.78
N ALA C 190 -33.82 17.37 13.57
CA ALA C 190 -32.90 16.65 14.44
C ALA C 190 -31.47 17.19 14.39
N LEU C 191 -31.12 17.79 13.25
CA LEU C 191 -29.76 18.29 13.02
C LEU C 191 -29.56 19.74 13.49
N ALA C 192 -30.63 20.54 13.47
CA ALA C 192 -30.57 21.98 13.78
C ALA C 192 -29.58 22.42 14.88
N PHE C 193 -29.52 21.70 16.00
CA PHE C 193 -28.67 22.06 17.14
C PHE C 193 -27.17 21.98 16.84
N GLN C 194 -26.82 21.15 15.87
CA GLN C 194 -25.41 20.86 15.58
C GLN C 194 -24.76 21.89 14.67
N LEU C 195 -25.56 22.74 14.04
CA LEU C 195 -25.01 23.72 13.11
C LEU C 195 -24.27 24.82 13.87
N ALA C 196 -23.18 25.31 13.27
CA ALA C 196 -22.24 26.22 13.95
C ALA C 196 -21.71 27.32 13.02
N GLY C 197 -22.57 27.86 12.17
CA GLY C 197 -22.20 29.00 11.36
C GLY C 197 -21.26 28.68 10.21
N GLU C 198 -21.00 27.39 10.00
CA GLU C 198 -20.29 26.96 8.79
C GLU C 198 -21.17 27.20 7.54
N PRO C 199 -20.54 27.55 6.40
CA PRO C 199 -21.32 27.91 5.20
C PRO C 199 -22.33 26.84 4.81
N ILE C 200 -21.90 25.58 4.86
CA ILE C 200 -22.76 24.44 4.49
C ILE C 200 -22.34 23.19 5.26
N HIS C 201 -23.29 22.61 5.99
CA HIS C 201 -23.03 21.41 6.73
C HIS C 201 -22.91 20.22 5.79
N PRO C 202 -22.00 19.27 6.10
CA PRO C 202 -21.87 18.02 5.37
C PRO C 202 -23.22 17.43 4.90
N VAL C 203 -24.17 17.30 5.81
CA VAL C 203 -25.49 16.74 5.46
C VAL C 203 -26.18 17.52 4.34
N LEU C 204 -26.20 18.84 4.46
CA LEU C 204 -26.84 19.69 3.46
C LEU C 204 -26.19 19.57 2.09
N ILE C 205 -24.85 19.52 2.04
CA ILE C 205 -24.19 19.35 0.76
C ILE C 205 -24.40 17.92 0.25
N ASP C 206 -24.51 16.96 1.16
CA ASP C 206 -24.81 15.60 0.73
C ASP C 206 -26.18 15.48 0.11
N ALA C 207 -27.15 16.18 0.69
CA ALA C 207 -28.52 16.17 0.20
C ALA C 207 -28.63 16.62 -1.25
N CYS C 208 -27.73 17.52 -1.65
CA CYS C 208 -27.73 18.04 -3.03
C CYS C 208 -27.49 16.96 -4.09
N THR C 209 -26.90 15.84 -3.65
CA THR C 209 -26.38 14.85 -4.56
C THR C 209 -27.32 13.67 -4.69
N ARG C 210 -28.47 13.78 -4.02
CA ARG C 210 -29.39 12.65 -3.87
C ARG C 210 -30.34 12.35 -5.03
N LEU C 211 -30.36 13.22 -6.05
CA LEU C 211 -31.30 13.02 -7.17
C LEU C 211 -30.76 13.45 -8.54
N THR C 212 -31.12 12.64 -9.53
CA THR C 212 -30.76 12.85 -10.92
C THR C 212 -31.99 12.47 -11.72
N PRO C 213 -32.24 13.12 -12.89
CA PRO C 213 -33.33 12.77 -13.80
C PRO C 213 -33.55 11.26 -13.99
N ASP C 214 -32.47 10.49 -13.87
CA ASP C 214 -32.47 9.05 -14.13
C ASP C 214 -32.05 8.23 -12.90
N LEU C 215 -32.62 8.54 -11.74
CA LEU C 215 -32.26 7.87 -10.50
C LEU C 215 -32.83 6.45 -10.38
N PHE C 216 -33.87 6.17 -11.16
CA PHE C 216 -34.46 4.82 -11.22
C PHE C 216 -33.62 3.87 -12.10
N ASP C 217 -32.53 4.40 -12.64
CA ASP C 217 -31.69 3.70 -13.60
C ASP C 217 -30.49 3.05 -12.92
N PHE C 218 -30.00 3.72 -11.88
CA PHE C 218 -28.87 3.25 -11.05
C PHE C 218 -29.13 1.81 -10.59
N SER C 219 -28.69 0.83 -11.38
CA SER C 219 -29.04 -0.59 -11.18
C SER C 219 -29.11 -0.98 -9.69
N SER C 220 -30.32 -1.34 -9.26
CA SER C 220 -30.62 -1.50 -7.85
C SER C 220 -30.37 -2.93 -7.34
N ASP C 221 -30.80 -3.91 -8.12
CA ASP C 221 -30.96 -5.30 -7.67
C ASP C 221 -29.68 -6.05 -7.25
N SER C 222 -28.60 -5.34 -7.01
CA SER C 222 -27.33 -5.95 -6.61
C SER C 222 -27.01 -5.76 -5.12
N GLY C 223 -27.46 -4.64 -4.56
CA GLY C 223 -27.17 -4.25 -3.17
C GLY C 223 -25.91 -3.40 -3.05
N VAL C 224 -25.10 -3.41 -4.10
CA VAL C 224 -23.82 -2.72 -4.15
C VAL C 224 -23.99 -1.20 -4.15
N PHE C 225 -23.20 -0.53 -3.31
CA PHE C 225 -23.27 0.93 -3.12
C PHE C 225 -22.55 1.71 -4.23
N TRP C 226 -23.08 2.89 -4.54
CA TRP C 226 -22.43 3.86 -5.43
C TRP C 226 -21.71 4.92 -4.59
N ALA C 227 -20.39 4.76 -4.43
CA ALA C 227 -19.58 5.67 -3.61
C ALA C 227 -19.04 6.86 -4.40
N PRO C 228 -19.24 8.07 -3.86
CA PRO C 228 -18.58 9.26 -4.42
C PRO C 228 -17.08 9.03 -4.57
N TRP C 229 -16.53 9.38 -5.72
CA TRP C 229 -15.15 9.07 -6.04
C TRP C 229 -14.30 10.31 -6.35
N ARG C 230 -14.88 11.25 -7.09
CA ARG C 230 -14.24 12.53 -7.33
C ARG C 230 -15.24 13.60 -7.75
N VAL C 231 -14.87 14.85 -7.52
CA VAL C 231 -15.65 16.02 -7.92
C VAL C 231 -14.71 17.00 -8.62
N LYS C 232 -15.04 17.37 -9.85
CA LYS C 232 -14.21 18.29 -10.62
C LYS C 232 -14.11 19.65 -9.92
N GLU C 233 -15.25 20.28 -9.68
CA GLU C 233 -15.28 21.60 -9.05
C GLU C 233 -16.52 21.75 -8.17
N MSE C 234 -16.37 22.51 -7.09
CA MSE C 234 -17.48 22.87 -6.23
C MSE C 234 -17.30 24.34 -5.82
O MSE C 234 -16.28 24.72 -5.26
CB MSE C 234 -17.56 21.97 -5.00
CG MSE C 234 -18.96 21.78 -4.45
SE MSE C 234 -19.45 23.06 -3.04
CE MSE C 234 -21.37 23.24 -3.32
N THR C 235 -18.29 25.16 -6.14
CA THR C 235 -18.25 26.57 -5.77
C THR C 235 -19.42 26.90 -4.87
N LEU C 236 -19.19 27.84 -3.96
CA LEU C 236 -20.26 28.36 -3.13
C LEU C 236 -20.02 29.84 -2.87
N SER C 237 -21.02 30.67 -3.17
CA SER C 237 -20.89 32.13 -3.08
C SER C 237 -21.18 32.65 -1.67
N HIS C 238 -22.16 32.05 -0.99
CA HIS C 238 -22.50 32.44 0.37
C HIS C 238 -23.12 31.28 1.15
N PRO C 239 -23.33 31.45 2.47
CA PRO C 239 -23.90 30.36 3.26
C PRO C 239 -25.26 29.95 2.75
N THR C 240 -25.61 28.67 2.91
CA THR C 240 -26.93 28.19 2.53
C THR C 240 -28.01 28.83 3.38
N PRO C 241 -29.14 29.22 2.76
CA PRO C 241 -30.30 29.68 3.52
C PRO C 241 -30.97 28.49 4.19
N SER C 242 -31.96 28.76 5.06
CA SER C 242 -32.65 27.71 5.80
C SER C 242 -33.37 26.74 4.88
N ARG C 243 -33.73 27.23 3.70
CA ARG C 243 -34.38 26.44 2.65
C ARG C 243 -33.82 26.83 1.26
N PHE C 244 -33.44 25.82 0.48
CA PHE C 244 -32.89 26.03 -0.86
C PHE C 244 -33.16 24.82 -1.75
N TYR C 245 -32.68 24.88 -2.99
CA TYR C 245 -32.96 23.85 -3.99
C TYR C 245 -31.70 23.28 -4.63
N ALA C 246 -31.78 22.01 -5.04
CA ALA C 246 -30.72 21.38 -5.84
C ALA C 246 -31.30 21.03 -7.19
N TYR C 247 -30.68 21.55 -8.25
CA TYR C 247 -31.22 21.48 -9.60
C TYR C 247 -30.25 20.76 -10.53
N VAL C 248 -30.71 19.68 -11.17
CA VAL C 248 -29.89 18.95 -12.14
C VAL C 248 -30.50 19.12 -13.52
N GLU C 249 -29.71 19.64 -14.46
CA GLU C 249 -30.20 20.03 -15.78
C GLU C 249 -30.13 18.94 -16.84
N GLU C 250 -29.18 18.01 -16.71
CA GLU C 250 -29.07 16.89 -17.65
C GLU C 250 -28.84 15.54 -16.93
N PRO C 251 -29.32 14.43 -17.53
CA PRO C 251 -29.11 13.10 -16.96
C PRO C 251 -27.63 12.74 -16.78
N SER C 252 -27.37 11.85 -15.84
CA SER C 252 -26.00 11.46 -15.49
C SER C 252 -25.25 10.82 -16.65
N ARG C 253 -24.01 11.24 -16.85
CA ARG C 253 -23.14 10.64 -17.86
C ARG C 253 -22.51 9.36 -17.32
N VAL C 254 -22.64 8.29 -18.11
CA VAL C 254 -22.18 6.98 -17.71
C VAL C 254 -20.94 6.61 -18.52
N ASN C 255 -19.78 6.65 -17.86
CA ASN C 255 -18.58 6.06 -18.44
C ASN C 255 -18.68 4.54 -18.26
N GLU C 256 -18.42 3.80 -19.33
CA GLU C 256 -18.55 2.36 -19.31
C GLU C 256 -17.22 1.69 -19.01
N GLN C 257 -16.23 1.95 -19.87
CA GLN C 257 -14.91 1.33 -19.81
C GLN C 257 -14.17 1.64 -18.49
N LEU C 258 -14.38 2.86 -17.97
CA LEU C 258 -13.82 3.25 -16.67
C LEU C 258 -14.88 3.29 -15.55
N GLN C 259 -16.09 2.89 -15.90
CA GLN C 259 -17.18 2.55 -14.95
C GLN C 259 -17.44 3.60 -13.85
N THR C 260 -18.03 4.72 -14.23
CA THR C 260 -18.39 5.81 -13.31
C THR C 260 -19.65 6.51 -13.81
N ARG C 261 -20.50 6.96 -12.90
CA ARG C 261 -21.61 7.86 -13.24
C ARG C 261 -21.27 9.26 -12.74
N SER C 262 -21.40 10.26 -13.60
CA SER C 262 -21.08 11.64 -13.22
C SER C 262 -22.21 12.60 -13.56
N TYR C 263 -22.37 13.63 -12.72
CA TYR C 263 -23.40 14.65 -12.95
C TYR C 263 -23.12 16.02 -12.32
N ASP C 264 -24.00 16.97 -12.59
CA ASP C 264 -23.86 18.36 -12.13
C ASP C 264 -25.05 18.79 -11.30
N ILE C 265 -24.81 19.61 -10.29
CA ILE C 265 -25.88 20.11 -9.45
C ILE C 265 -25.75 21.61 -9.26
N GLN C 266 -26.84 22.32 -9.51
CA GLN C 266 -26.91 23.75 -9.26
C GLN C 266 -27.63 24.02 -7.94
N LEU C 267 -27.02 24.80 -7.07
CA LEU C 267 -27.66 25.20 -5.82
C LEU C 267 -28.40 26.52 -6.04
N LEU C 268 -29.71 26.51 -5.79
CA LEU C 268 -30.57 27.67 -5.99
C LEU C 268 -31.22 28.08 -4.67
N ASP C 269 -31.23 29.38 -4.39
CA ASP C 269 -31.84 29.90 -3.15
C ASP C 269 -33.38 29.92 -3.19
N GLU C 270 -34.00 30.57 -2.20
CA GLU C 270 -35.45 30.66 -2.05
C GLU C 270 -36.14 31.27 -3.29
N THR C 271 -35.50 32.26 -3.90
CA THR C 271 -36.05 32.96 -5.07
C THR C 271 -35.82 32.16 -6.35
N GLY C 272 -34.81 31.28 -6.34
CA GLY C 272 -34.45 30.52 -7.52
C GLY C 272 -33.16 31.01 -8.13
N GLN C 273 -32.45 31.89 -7.42
CA GLN C 273 -31.14 32.37 -7.83
C GLN C 273 -30.04 31.41 -7.46
N ALA C 274 -29.13 31.14 -8.41
CA ALA C 274 -28.00 30.24 -8.16
C ALA C 274 -27.00 30.90 -7.21
N PHE C 275 -26.43 30.11 -6.31
CA PHE C 275 -25.44 30.62 -5.35
C PHE C 275 -24.32 29.61 -5.09
N GLY C 276 -24.41 28.45 -5.72
CA GLY C 276 -23.35 27.44 -5.65
C GLY C 276 -23.58 26.35 -6.67
N ARG C 277 -22.53 25.60 -6.98
CA ARG C 277 -22.66 24.46 -7.89
C ARG C 277 -21.63 23.38 -7.63
N ILE C 278 -21.98 22.15 -8.02
CA ILE C 278 -21.11 21.00 -7.94
C ILE C 278 -20.98 20.44 -9.35
N ASN C 279 -19.76 20.48 -9.90
CA ASN C 279 -19.49 19.97 -11.23
C ASN C 279 -18.71 18.66 -11.24
N GLY C 280 -19.15 17.74 -12.09
CA GLY C 280 -18.47 16.47 -12.28
C GLY C 280 -18.51 15.57 -11.06
N PHE C 281 -19.63 15.62 -10.33
CA PHE C 281 -19.86 14.76 -9.17
C PHE C 281 -19.90 13.30 -9.61
N THR C 282 -18.84 12.56 -9.31
CA THR C 282 -18.68 11.20 -9.83
C THR C 282 -18.85 10.13 -8.74
N VAL C 283 -19.72 9.17 -9.00
CA VAL C 283 -19.87 8.01 -8.12
C VAL C 283 -19.30 6.77 -8.81
N LYS C 284 -18.80 5.83 -8.02
CA LYS C 284 -18.31 4.57 -8.56
C LYS C 284 -18.77 3.40 -7.69
N ARG C 285 -19.03 2.26 -8.32
CA ARG C 285 -19.46 1.05 -7.61
C ARG C 285 -18.41 0.64 -6.57
N ALA C 286 -18.88 0.39 -5.34
CA ALA C 286 -18.00 -0.02 -4.26
C ALA C 286 -18.65 -1.09 -3.39
N PRO C 287 -18.33 -2.37 -3.67
CA PRO C 287 -18.84 -3.48 -2.85
C PRO C 287 -18.28 -3.42 -1.44
N SER C 288 -19.04 -3.93 -0.48
CA SER C 288 -18.72 -3.79 0.95
C SER C 288 -17.35 -4.34 1.37
N GLN C 289 -16.91 -5.43 0.73
CA GLN C 289 -15.58 -6.01 0.99
C GLN C 289 -14.45 -5.04 0.70
N LEU C 290 -14.57 -4.30 -0.40
CA LEU C 290 -13.59 -3.27 -0.77
C LEU C 290 -13.80 -1.96 -0.01
N PHE C 291 -15.06 -1.54 0.09
CA PHE C 291 -15.44 -0.26 0.68
C PHE C 291 -15.19 -0.17 2.19
N LEU C 292 -15.57 -1.21 2.93
CA LEU C 292 -15.44 -1.24 4.40
C LEU C 292 -14.06 -1.73 4.89
N LYS C 293 -13.16 -1.92 3.93
CA LYS C 293 -11.74 -1.55 4.08
C LYS C 293 -10.60 -2.51 3.91
N HIS D 9 11.63 -30.61 -12.07
CA HIS D 9 12.96 -30.14 -11.61
C HIS D 9 12.90 -29.93 -10.09
N ARG D 10 13.80 -30.58 -9.35
CA ARG D 10 13.81 -30.44 -7.90
C ARG D 10 13.96 -28.98 -7.39
N LEU D 11 14.70 -28.12 -8.10
CA LEU D 11 14.86 -26.74 -7.63
C LEU D 11 13.65 -25.86 -8.00
N LEU D 12 13.23 -25.95 -9.26
CA LEU D 12 12.23 -25.04 -9.80
C LEU D 12 10.81 -25.56 -9.74
N GLY D 13 10.65 -26.88 -9.70
CA GLY D 13 9.34 -27.49 -9.74
C GLY D 13 8.84 -27.64 -11.17
N ASN D 14 7.55 -27.38 -11.36
CA ASN D 14 6.87 -27.57 -12.64
C ASN D 14 6.86 -26.33 -13.49
N LYS D 15 7.14 -26.50 -14.77
CA LYS D 15 7.22 -25.40 -15.72
C LYS D 15 5.90 -25.26 -16.45
N LEU D 16 5.31 -24.08 -16.42
CA LEU D 16 4.14 -23.81 -17.22
C LEU D 16 4.41 -22.60 -18.09
N GLU D 17 4.15 -22.75 -19.38
CA GLU D 17 4.31 -21.66 -20.33
C GLU D 17 2.93 -21.08 -20.63
N LEU D 18 2.75 -19.80 -20.34
CA LEU D 18 1.46 -19.14 -20.56
C LEU D 18 1.28 -18.85 -22.03
N ALA D 19 0.22 -19.39 -22.60
CA ALA D 19 -0.07 -19.21 -24.01
C ALA D 19 -0.41 -17.77 -24.33
N SER D 20 -1.07 -17.10 -23.39
CA SER D 20 -1.62 -15.77 -23.62
C SER D 20 -0.55 -14.67 -23.69
N THR D 21 0.43 -14.74 -22.81
CA THR D 21 1.35 -13.63 -22.58
C THR D 21 2.80 -13.94 -22.92
N GLY D 22 3.12 -15.23 -23.03
CA GLY D 22 4.49 -15.68 -23.26
C GLY D 22 5.31 -15.65 -21.99
N GLN D 23 4.63 -15.71 -20.85
CA GLN D 23 5.30 -15.79 -19.56
C GLN D 23 5.53 -17.23 -19.14
N THR D 24 6.39 -17.42 -18.15
CA THR D 24 6.67 -18.75 -17.65
C THR D 24 6.54 -18.77 -16.14
N ILE D 25 5.76 -19.72 -15.64
CA ILE D 25 5.58 -19.91 -14.20
C ILE D 25 6.22 -21.22 -13.77
N TYR D 26 7.01 -21.16 -12.71
CA TYR D 26 7.55 -22.36 -12.09
C TYR D 26 6.87 -22.49 -10.74
N HIS D 27 6.07 -23.55 -10.58
CA HIS D 27 5.37 -23.75 -9.32
C HIS D 27 5.72 -25.05 -8.65
N GLN D 28 5.82 -24.99 -7.33
CA GLN D 28 6.12 -26.16 -6.52
C GLN D 28 5.54 -26.01 -5.12
N ASP D 29 5.44 -27.13 -4.41
CA ASP D 29 5.21 -27.12 -2.97
C ASP D 29 6.55 -27.12 -2.21
N ILE D 30 6.86 -26.03 -1.53
CA ILE D 30 8.08 -25.99 -0.73
C ILE D 30 7.81 -26.48 0.70
N ASN D 31 8.58 -27.47 1.15
CA ASN D 31 8.53 -27.97 2.54
C ASN D 31 9.75 -28.83 2.89
N LEU D 32 9.85 -29.27 4.14
CA LEU D 32 11.02 -30.04 4.58
C LEU D 32 11.18 -31.40 3.88
N ASN D 33 10.09 -31.86 3.27
CA ASN D 33 10.07 -33.11 2.55
C ASN D 33 10.73 -32.95 1.18
N ASN D 34 10.30 -31.93 0.45
CA ASN D 34 10.83 -31.65 -0.88
C ASN D 34 12.20 -31.02 -0.82
N HIS D 35 12.41 -30.18 0.20
CA HIS D 35 13.62 -29.41 0.34
C HIS D 35 14.18 -29.51 1.76
N PRO D 36 14.68 -30.71 2.14
CA PRO D 36 15.24 -30.90 3.48
C PRO D 36 16.30 -29.88 3.89
N TRP D 37 17.03 -29.32 2.94
CA TRP D 37 18.13 -28.41 3.27
C TRP D 37 17.67 -27.15 4.01
N ILE D 38 16.43 -26.73 3.75
CA ILE D 38 15.89 -25.52 4.37
C ILE D 38 15.94 -25.64 5.90
N GLY D 39 15.67 -26.86 6.39
CA GLY D 39 15.68 -27.13 7.82
C GLY D 39 17.05 -26.97 8.44
N ASP D 40 18.07 -26.92 7.59
CA ASP D 40 19.44 -26.71 8.04
C ASP D 40 19.94 -25.26 7.87
N HIS D 41 19.05 -24.37 7.45
CA HIS D 41 19.33 -22.94 7.48
C HIS D 41 18.38 -22.27 8.45
N ARG D 42 18.76 -22.23 9.71
CA ARG D 42 17.86 -21.75 10.76
C ARG D 42 18.19 -20.34 11.22
N VAL D 43 17.25 -19.43 11.05
CA VAL D 43 17.30 -18.10 11.67
C VAL D 43 16.28 -18.08 12.80
N TYR D 44 16.67 -17.62 13.99
CA TYR D 44 15.80 -17.65 15.16
C TYR D 44 15.18 -19.03 15.33
N ASP D 45 16.00 -20.07 15.16
CA ASP D 45 15.56 -21.45 15.29
C ASP D 45 14.38 -21.82 14.37
N THR D 46 14.27 -21.11 13.24
CA THR D 46 13.20 -21.34 12.26
C THR D 46 13.80 -21.61 10.89
N PRO D 47 13.38 -22.71 10.23
CA PRO D 47 13.87 -22.95 8.88
C PRO D 47 13.40 -21.83 7.94
N VAL D 48 14.36 -21.09 7.41
CA VAL D 48 14.09 -19.99 6.48
C VAL D 48 14.88 -20.12 5.17
N ILE D 49 14.27 -19.74 4.03
CA ILE D 49 14.98 -19.70 2.74
C ILE D 49 15.81 -18.42 2.62
N PRO D 50 17.14 -18.55 2.52
CA PRO D 50 17.99 -17.37 2.27
C PRO D 50 17.61 -16.70 0.97
N GLY D 51 17.65 -15.37 0.94
CA GLY D 51 17.27 -14.59 -0.24
C GLY D 51 17.95 -14.99 -1.54
N VAL D 52 19.26 -15.18 -1.50
CA VAL D 52 20.03 -15.53 -2.71
C VAL D 52 19.52 -16.78 -3.44
N SER D 53 18.72 -17.59 -2.75
CA SER D 53 18.11 -18.79 -3.33
C SER D 53 17.32 -18.48 -4.57
N TYR D 54 16.66 -17.32 -4.57
CA TYR D 54 15.79 -16.93 -5.69
C TYR D 54 16.61 -16.45 -6.88
N ILE D 55 17.84 -16.01 -6.63
CA ILE D 55 18.77 -15.75 -7.73
C ILE D 55 19.17 -17.08 -8.33
N ALA D 56 19.61 -18.02 -7.49
CA ALA D 56 19.87 -19.41 -7.91
C ALA D 56 18.75 -19.99 -8.78
N MSE D 57 17.51 -19.80 -8.33
CA MSE D 57 16.32 -20.27 -9.02
C MSE D 57 16.19 -19.66 -10.40
O MSE D 57 15.95 -20.35 -11.38
CB MSE D 57 15.08 -19.97 -8.19
CG MSE D 57 14.92 -20.92 -7.02
SE MSE D 57 13.27 -20.65 -6.00
CE MSE D 57 11.94 -21.34 -7.25
N THR D 58 16.38 -18.33 -10.45
CA THR D 58 16.25 -17.56 -11.68
C THR D 58 17.32 -18.01 -12.67
N LEU D 59 18.54 -18.18 -12.16
CA LEU D 59 19.68 -18.63 -12.96
C LEU D 59 19.43 -20.02 -13.58
N ALA D 60 18.70 -20.88 -12.86
CA ALA D 60 18.41 -22.21 -13.37
C ALA D 60 17.30 -22.18 -14.39
N ALA D 61 16.46 -21.14 -14.34
CA ALA D 61 15.37 -21.03 -15.31
C ALA D 61 15.84 -20.48 -16.64
N VAL D 62 16.79 -19.53 -16.62
CA VAL D 62 17.28 -18.90 -17.86
C VAL D 62 18.60 -19.47 -18.38
N GLY D 63 19.37 -20.08 -17.47
CA GLY D 63 20.64 -20.67 -17.83
C GLY D 63 21.78 -19.67 -17.78
N VAL D 64 23.00 -20.17 -17.65
CA VAL D 64 24.18 -19.31 -17.70
C VAL D 64 24.89 -19.45 -19.05
N PRO D 65 25.66 -18.42 -19.49
CA PRO D 65 26.01 -17.15 -18.84
C PRO D 65 24.79 -16.25 -18.68
N ALA D 66 24.73 -15.49 -17.60
CA ALA D 66 23.57 -14.65 -17.31
C ALA D 66 23.90 -13.60 -16.27
N ALA D 67 23.19 -12.48 -16.34
CA ALA D 67 23.32 -11.42 -15.36
C ALA D 67 21.95 -11.10 -14.77
N VAL D 68 21.91 -10.93 -13.45
CA VAL D 68 20.68 -10.57 -12.75
C VAL D 68 20.89 -9.24 -12.03
N GLU D 69 19.94 -8.33 -12.20
CA GLU D 69 20.08 -6.95 -11.74
C GLU D 69 18.87 -6.52 -10.92
N ASP D 70 19.05 -5.51 -10.07
CA ASP D 70 17.97 -4.96 -9.23
C ASP D 70 17.21 -6.04 -8.45
N ILE D 71 17.95 -6.81 -7.66
CA ILE D 71 17.37 -7.88 -6.87
C ILE D 71 16.93 -7.33 -5.51
N ASN D 72 15.69 -7.61 -5.14
CA ASN D 72 15.16 -7.20 -3.83
C ASN D 72 14.49 -8.35 -3.08
N PHE D 73 14.71 -8.37 -1.77
CA PHE D 73 14.12 -9.38 -0.90
C PHE D 73 13.09 -8.74 0.04
N GLN D 74 11.86 -9.23 -0.02
CA GLN D 74 10.81 -8.73 0.88
C GLN D 74 10.71 -9.66 2.10
N GLN D 75 9.50 -10.12 2.41
CA GLN D 75 9.33 -11.04 3.54
C GLN D 75 9.96 -12.40 3.21
N PRO D 76 10.59 -13.02 4.21
CA PRO D 76 11.20 -14.33 3.96
C PRO D 76 10.17 -15.46 3.92
N LEU D 77 10.51 -16.52 3.21
CA LEU D 77 9.71 -17.74 3.20
C LEU D 77 10.21 -18.59 4.35
N PHE D 78 9.41 -18.74 5.39
CA PHE D 78 9.83 -19.57 6.52
C PHE D 78 8.82 -20.68 6.82
N LEU D 79 9.33 -21.79 7.36
CA LEU D 79 8.48 -22.93 7.70
C LEU D 79 8.33 -23.02 9.22
N ALA D 80 7.21 -22.49 9.71
CA ALA D 80 6.97 -22.43 11.15
C ALA D 80 6.94 -23.84 11.78
N GLU D 81 6.03 -24.69 11.32
CA GLU D 81 5.94 -26.07 11.80
C GLU D 81 6.71 -27.02 10.89
N SER D 82 7.05 -28.19 11.42
CA SER D 82 7.81 -29.19 10.68
C SER D 82 7.04 -29.68 9.45
N ASN D 83 5.72 -29.53 9.48
CA ASN D 83 4.85 -29.98 8.40
C ASN D 83 4.31 -28.85 7.50
N THR D 84 4.72 -27.62 7.77
CA THR D 84 4.32 -26.47 6.95
C THR D 84 4.72 -26.64 5.48
N THR D 85 3.74 -26.46 4.59
CA THR D 85 3.99 -26.38 3.15
C THR D 85 3.57 -25.02 2.64
N ARG D 86 4.43 -24.38 1.86
CA ARG D 86 4.03 -23.18 1.14
C ARG D 86 4.06 -23.42 -0.36
N GLU D 87 2.93 -23.20 -1.03
CA GLU D 87 2.93 -23.26 -2.49
C GLU D 87 3.60 -22.00 -3.02
N THR D 88 4.67 -22.22 -3.78
CA THR D 88 5.52 -21.16 -4.27
C THR D 88 5.43 -21.04 -5.79
N GLN D 89 5.52 -19.81 -6.26
CA GLN D 89 5.52 -19.55 -7.69
C GLN D 89 6.66 -18.57 -7.99
N LEU D 90 7.44 -18.91 -9.02
CA LEU D 90 8.44 -18.00 -9.56
C LEU D 90 7.95 -17.60 -10.94
N MSE D 91 7.72 -16.31 -11.13
CA MSE D 91 7.10 -15.80 -12.35
C MSE D 91 8.15 -15.15 -13.26
O MSE D 91 8.79 -14.15 -12.89
CB MSE D 91 5.99 -14.81 -11.98
CG MSE D 91 5.50 -13.93 -13.12
SE MSE D 91 4.36 -14.86 -14.38
CE MSE D 91 2.65 -13.96 -14.08
N LEU D 92 8.34 -15.72 -14.44
CA LEU D 92 9.30 -15.18 -15.39
C LEU D 92 8.51 -14.42 -16.45
N HIS D 93 8.62 -13.10 -16.42
CA HIS D 93 7.84 -12.26 -17.31
C HIS D 93 8.43 -12.29 -18.72
N THR D 94 7.61 -12.00 -19.72
CA THR D 94 8.06 -11.95 -21.11
C THR D 94 8.96 -10.75 -21.29
N ALA D 95 10.01 -10.90 -22.11
CA ALA D 95 11.00 -9.84 -22.31
C ALA D 95 10.36 -8.55 -22.80
N ASP D 96 10.81 -7.43 -22.24
CA ASP D 96 10.29 -6.12 -22.59
C ASP D 96 11.01 -5.53 -23.81
N ASN D 97 10.73 -4.25 -24.11
CA ASN D 97 11.38 -3.50 -25.21
C ASN D 97 12.89 -3.54 -25.14
N VAL D 98 13.42 -3.27 -23.94
CA VAL D 98 14.85 -3.32 -23.63
C VAL D 98 15.36 -4.78 -23.67
N GLY D 99 14.45 -5.74 -23.63
CA GLY D 99 14.79 -7.15 -23.71
C GLY D 99 15.06 -7.80 -22.37
N LYS D 100 14.85 -7.07 -21.29
CA LYS D 100 15.00 -7.67 -19.96
C LYS D 100 13.72 -8.35 -19.48
N GLN D 101 13.89 -9.39 -18.67
CA GLN D 101 12.77 -10.15 -18.15
C GLN D 101 12.65 -9.95 -16.63
N PHE D 102 11.47 -9.48 -16.23
CA PHE D 102 11.15 -9.30 -14.82
C PHE D 102 10.88 -10.67 -14.16
N VAL D 103 11.31 -10.82 -12.91
CA VAL D 103 11.09 -12.06 -12.16
C VAL D 103 10.51 -11.73 -10.79
N GLU D 104 9.54 -12.54 -10.35
CA GLU D 104 8.90 -12.39 -9.04
C GLU D 104 8.70 -13.74 -8.37
N VAL D 105 8.96 -13.80 -7.06
CA VAL D 105 8.69 -15.03 -6.31
C VAL D 105 7.66 -14.72 -5.23
N PHE D 106 6.57 -15.47 -5.25
CA PHE D 106 5.53 -15.39 -4.21
C PHE D 106 5.29 -16.78 -3.64
N SER D 107 4.86 -16.83 -2.38
CA SER D 107 4.25 -18.05 -1.80
C SER D 107 3.03 -17.76 -0.92
N ARG D 108 2.30 -18.80 -0.58
CA ARG D 108 1.21 -18.74 0.40
C ARG D 108 1.10 -20.10 1.04
N ASP D 109 0.52 -20.16 2.24
CA ASP D 109 0.41 -21.41 2.97
C ASP D 109 -0.58 -22.34 2.27
N GLY D 110 -0.11 -23.54 1.95
CA GLY D 110 -0.91 -24.53 1.22
C GLY D 110 -2.23 -24.76 1.91
N ALA D 111 -2.17 -25.07 3.20
CA ALA D 111 -3.36 -25.30 4.02
C ALA D 111 -4.28 -24.08 4.04
N LYS D 112 -3.91 -23.08 4.84
CA LYS D 112 -4.74 -21.90 5.07
C LYS D 112 -5.18 -21.16 3.79
N GLN D 113 -4.35 -21.24 2.75
CA GLN D 113 -4.59 -20.56 1.46
C GLN D 113 -4.71 -19.04 1.63
N GLU D 114 -4.11 -18.51 2.69
CA GLU D 114 -4.14 -17.07 2.97
C GLU D 114 -3.36 -16.33 1.90
N GLU D 115 -3.56 -15.01 1.82
CA GLU D 115 -3.06 -14.23 0.67
C GLU D 115 -1.58 -14.35 0.37
N TRP D 116 -1.29 -14.27 -0.93
CA TRP D 116 0.06 -14.41 -1.48
C TRP D 116 1.01 -13.36 -0.92
N GLN D 117 2.18 -13.81 -0.45
CA GLN D 117 3.24 -12.92 0.01
C GLN D 117 4.42 -12.99 -0.94
N GLN D 118 5.03 -11.83 -1.20
CA GLN D 118 6.19 -11.77 -2.07
C GLN D 118 7.49 -11.96 -1.29
N HIS D 119 8.43 -12.69 -1.89
CA HIS D 119 9.72 -12.92 -1.26
C HIS D 119 10.87 -12.27 -2.03
N ALA D 120 10.71 -12.14 -3.34
CA ALA D 120 11.76 -11.55 -4.15
C ALA D 120 11.26 -10.98 -5.47
N SER D 121 12.07 -10.08 -6.02
CA SER D 121 11.90 -9.59 -7.39
C SER D 121 13.29 -9.24 -7.92
N MSE D 122 13.44 -9.32 -9.24
CA MSE D 122 14.71 -9.01 -9.89
C MSE D 122 14.51 -8.90 -11.40
O MSE D 122 13.40 -9.17 -11.90
CB MSE D 122 15.75 -10.08 -9.57
CG MSE D 122 15.37 -11.47 -10.00
SE MSE D 122 16.26 -12.87 -8.97
CE MSE D 122 15.20 -12.77 -7.33
N SER D 123 15.56 -8.51 -12.09
CA SER D 123 15.52 -8.43 -13.55
C SER D 123 16.67 -9.23 -14.12
N VAL D 124 16.38 -10.06 -15.12
CA VAL D 124 17.41 -10.73 -15.89
C VAL D 124 17.87 -9.78 -16.98
N SER D 125 19.16 -9.45 -16.96
CA SER D 125 19.76 -8.55 -17.95
C SER D 125 19.53 -9.11 -19.35
N GLU D 126 19.37 -8.23 -20.33
CA GLU D 126 19.12 -8.65 -21.71
C GLU D 126 20.41 -9.10 -22.42
N ASN D 127 21.56 -8.73 -21.83
CA ASN D 127 22.85 -8.96 -22.45
C ASN D 127 23.71 -9.94 -21.67
N PRO D 128 24.28 -10.95 -22.36
CA PRO D 128 25.18 -11.87 -21.68
C PRO D 128 26.21 -11.05 -20.91
N PRO D 129 26.43 -11.40 -19.64
CA PRO D 129 27.19 -10.53 -18.75
C PRO D 129 28.60 -10.35 -19.27
N PRO D 130 29.20 -9.17 -19.01
CA PRO D 130 30.56 -8.96 -19.48
C PRO D 130 31.47 -10.05 -18.93
N PRO D 131 32.31 -10.65 -19.80
CA PRO D 131 33.24 -11.69 -19.38
C PRO D 131 34.08 -11.26 -18.17
N PRO D 132 34.51 -12.25 -17.35
CA PRO D 132 35.31 -11.99 -16.15
C PRO D 132 36.64 -11.28 -16.46
N THR D 133 37.26 -10.68 -15.43
CA THR D 133 38.55 -10.00 -15.59
C THR D 133 39.62 -10.49 -14.59
N LEU D 134 39.20 -10.69 -13.34
CA LEU D 134 40.13 -11.03 -12.26
C LEU D 134 40.59 -12.48 -12.32
N SER D 135 41.87 -12.68 -12.02
CA SER D 135 42.46 -14.00 -11.87
C SER D 135 43.65 -13.90 -10.92
N VAL D 136 43.57 -14.58 -9.79
CA VAL D 136 44.64 -14.55 -8.80
C VAL D 136 45.21 -15.94 -8.54
N ASP D 137 46.45 -15.97 -8.06
CA ASP D 137 47.08 -17.21 -7.60
C ASP D 137 46.67 -17.47 -6.15
N ILE D 138 45.91 -18.54 -5.96
CA ILE D 138 45.36 -18.90 -4.66
C ILE D 138 46.45 -19.19 -3.60
N PRO D 139 47.44 -20.05 -3.93
CA PRO D 139 48.47 -20.32 -2.92
C PRO D 139 49.10 -19.06 -2.33
N ALA D 140 49.25 -18.02 -3.16
CA ALA D 140 49.81 -16.74 -2.74
C ALA D 140 48.91 -15.97 -1.78
N LEU D 141 47.60 -16.12 -1.94
CA LEU D 141 46.64 -15.44 -1.07
C LEU D 141 46.51 -16.13 0.29
N CYS D 142 46.76 -17.44 0.32
CA CYS D 142 46.66 -18.24 1.53
C CYS D 142 47.85 -18.01 2.48
N GLU D 143 48.90 -17.40 1.95
CA GLU D 143 50.04 -16.98 2.76
C GLU D 143 49.79 -15.60 3.36
N GLN D 144 49.35 -14.66 2.52
CA GLN D 144 49.09 -13.27 2.91
C GLN D 144 48.01 -13.15 3.99
N LEU D 145 47.15 -14.17 4.07
CA LEU D 145 46.01 -14.16 4.98
C LEU D 145 46.15 -15.16 6.13
N ARG D 146 45.59 -14.79 7.29
CA ARG D 146 45.62 -15.65 8.47
C ARG D 146 44.44 -16.62 8.43
N PRO D 147 44.73 -17.94 8.42
CA PRO D 147 43.68 -18.96 8.48
C PRO D 147 42.76 -18.75 9.68
N LEU D 148 41.50 -19.18 9.54
CA LEU D 148 40.48 -18.92 10.56
C LEU D 148 39.83 -20.21 11.05
N ASP D 149 39.62 -20.31 12.37
CA ASP D 149 38.90 -21.44 12.97
C ASP D 149 37.43 -21.30 12.61
N THR D 150 36.89 -22.33 11.97
CA THR D 150 35.48 -22.29 11.58
C THR D 150 34.57 -22.13 12.80
N ASP D 151 35.01 -22.64 13.94
CA ASP D 151 34.32 -22.43 15.22
C ASP D 151 34.11 -20.95 15.54
N THR D 152 35.12 -20.13 15.27
CA THR D 152 35.07 -18.71 15.56
C THR D 152 33.99 -18.02 14.72
N LEU D 153 33.80 -18.53 13.50
CA LEU D 153 32.76 -18.05 12.58
C LEU D 153 31.37 -18.52 13.02
N THR D 154 31.27 -19.80 13.39
CA THR D 154 30.03 -20.39 13.89
C THR D 154 29.45 -19.57 15.03
N GLU D 155 30.35 -19.11 15.91
CA GLU D 155 29.96 -18.31 17.07
C GLU D 155 29.45 -16.93 16.67
N ILE D 156 30.01 -16.35 15.61
CA ILE D 156 29.54 -15.06 15.11
C ILE D 156 28.11 -15.21 14.55
N TYR D 157 27.90 -16.27 13.78
CA TYR D 157 26.56 -16.52 13.23
C TYR D 157 25.56 -16.76 14.35
N ALA D 158 25.95 -17.57 15.34
CA ALA D 158 25.11 -17.87 16.49
C ALA D 158 24.70 -16.61 17.24
N SER D 159 25.59 -15.62 17.23
CA SER D 159 25.34 -14.36 17.92
C SER D 159 24.35 -13.46 17.17
N ILE D 160 24.12 -13.75 15.90
CA ILE D 160 23.04 -13.06 15.19
C ILE D 160 21.89 -14.02 14.90
N SER D 161 21.78 -15.05 15.75
CA SER D 161 20.71 -16.04 15.68
C SER D 161 20.66 -16.83 14.37
N LEU D 162 21.84 -17.08 13.81
CA LEU D 162 21.99 -17.85 12.57
C LEU D 162 22.75 -19.14 12.87
N VAL D 163 22.20 -20.26 12.38
CA VAL D 163 22.86 -21.56 12.53
C VAL D 163 22.79 -22.36 11.23
N TYR D 164 23.95 -22.81 10.77
CA TYR D 164 24.08 -23.61 9.58
C TYR D 164 24.16 -25.09 9.92
N GLY D 165 23.15 -25.85 9.50
CA GLY D 165 23.13 -27.29 9.69
C GLY D 165 23.94 -28.00 8.61
N PRO D 166 24.12 -29.32 8.76
CA PRO D 166 24.95 -30.15 7.90
C PRO D 166 24.78 -29.93 6.39
N MSE D 167 23.56 -29.66 5.95
CA MSE D 167 23.26 -29.46 4.53
C MSE D 167 23.59 -28.03 4.05
O MSE D 167 23.44 -27.71 2.87
CB MSE D 167 21.79 -29.78 4.25
CG MSE D 167 21.54 -31.22 3.88
SE MSE D 167 19.64 -31.72 3.96
CE MSE D 167 19.60 -32.55 5.73
N LEU D 168 24.02 -27.18 4.98
CA LEU D 168 24.45 -25.84 4.63
C LEU D 168 25.92 -25.60 4.91
N GLN D 169 26.58 -26.59 5.51
CA GLN D 169 28.00 -26.52 5.84
C GLN D 169 28.85 -26.73 4.60
N ALA D 170 29.02 -25.66 3.83
CA ALA D 170 29.73 -25.72 2.56
C ALA D 170 31.09 -25.04 2.65
N VAL D 171 31.36 -24.44 3.81
CA VAL D 171 32.59 -23.70 4.03
C VAL D 171 33.68 -24.66 4.52
N ARG D 172 34.53 -25.05 3.58
CA ARG D 172 35.66 -25.95 3.80
C ARG D 172 36.74 -25.23 4.61
N GLN D 173 37.15 -24.05 4.14
CA GLN D 173 38.23 -23.27 4.77
C GLN D 173 37.97 -21.78 4.66
N ALA D 174 38.44 -21.03 5.64
CA ALA D 174 38.27 -19.58 5.64
C ALA D 174 39.56 -18.86 5.98
N TRP D 175 39.87 -17.83 5.21
CA TRP D 175 41.02 -16.98 5.45
C TRP D 175 40.58 -15.53 5.64
N ILE D 176 41.35 -14.78 6.41
CA ILE D 176 41.03 -13.38 6.65
C ILE D 176 42.28 -12.48 6.74
N GLY D 177 42.18 -11.31 6.11
CA GLY D 177 43.22 -10.28 6.20
C GLY D 177 42.62 -9.03 6.79
N GLU D 178 43.39 -7.94 6.78
CA GLU D 178 42.88 -6.66 7.25
C GLU D 178 41.95 -6.04 6.22
N GLU D 179 42.26 -6.28 4.95
CA GLU D 179 41.56 -5.65 3.83
C GLU D 179 40.74 -6.64 3.01
N THR D 180 41.14 -7.91 3.02
CA THR D 180 40.54 -8.97 2.20
C THR D 180 40.01 -10.16 3.01
N SER D 181 39.14 -10.95 2.40
CA SER D 181 38.72 -12.24 2.96
C SER D 181 38.57 -13.28 1.86
N LEU D 182 38.74 -14.55 2.22
CA LEU D 182 38.64 -15.64 1.26
C LEU D 182 37.98 -16.88 1.86
N LEU D 183 37.01 -17.45 1.13
CA LEU D 183 36.34 -18.69 1.54
C LEU D 183 36.51 -19.81 0.52
N GLU D 184 36.99 -20.97 0.97
CA GLU D 184 36.95 -22.17 0.11
C GLU D 184 35.63 -22.91 0.30
N ILE D 185 34.91 -23.09 -0.79
CA ILE D 185 33.56 -23.63 -0.77
C ILE D 185 33.47 -24.94 -1.55
N GLU D 186 32.81 -25.93 -0.97
CA GLU D 186 32.51 -27.18 -1.65
C GLU D 186 31.07 -27.62 -1.40
N VAL D 187 30.59 -28.60 -2.15
CA VAL D 187 29.26 -29.15 -1.93
C VAL D 187 29.23 -30.01 -0.66
N PRO D 188 28.40 -29.62 0.32
CA PRO D 188 28.26 -30.38 1.56
C PRO D 188 27.83 -31.81 1.26
N LYS D 189 28.50 -32.77 1.88
CA LYS D 189 28.24 -34.19 1.62
C LYS D 189 26.77 -34.56 1.84
N ALA D 190 26.14 -33.92 2.83
CA ALA D 190 24.73 -34.15 3.10
C ALA D 190 23.82 -33.62 1.99
N LEU D 191 24.26 -32.58 1.30
CA LEU D 191 23.47 -31.97 0.23
C LEU D 191 23.65 -32.64 -1.14
N ALA D 192 24.83 -33.19 -1.40
CA ALA D 192 25.18 -33.76 -2.72
C ALA D 192 24.02 -34.39 -3.50
N PHE D 193 23.24 -35.27 -2.86
CA PHE D 193 22.19 -36.03 -3.55
C PHE D 193 21.03 -35.18 -4.11
N GLN D 194 20.92 -33.95 -3.64
CA GLN D 194 19.80 -33.06 -4.00
C GLN D 194 20.10 -32.19 -5.21
N LEU D 195 21.37 -32.16 -5.64
CA LEU D 195 21.77 -31.38 -6.80
C LEU D 195 21.20 -31.97 -8.07
N ALA D 196 20.80 -31.10 -9.00
CA ALA D 196 20.13 -31.53 -10.22
C ALA D 196 20.51 -30.73 -11.47
N GLY D 197 21.80 -30.43 -11.62
CA GLY D 197 22.30 -29.75 -12.81
C GLY D 197 22.08 -28.25 -12.92
N GLU D 198 21.53 -27.64 -11.86
CA GLU D 198 21.37 -26.19 -11.79
C GLU D 198 22.76 -25.56 -11.75
N PRO D 199 22.95 -24.40 -12.43
CA PRO D 199 24.26 -23.75 -12.41
C PRO D 199 24.82 -23.51 -11.00
N ILE D 200 23.97 -23.11 -10.06
CA ILE D 200 24.40 -22.88 -8.68
C ILE D 200 23.24 -23.13 -7.71
N HIS D 201 23.49 -23.97 -6.70
CA HIS D 201 22.45 -24.28 -5.72
C HIS D 201 22.37 -23.20 -4.66
N PRO D 202 21.13 -22.84 -4.24
CA PRO D 202 20.91 -21.87 -3.16
C PRO D 202 21.95 -21.93 -2.03
N VAL D 203 22.30 -23.12 -1.57
CA VAL D 203 23.28 -23.29 -0.49
C VAL D 203 24.63 -22.70 -0.87
N LEU D 204 25.08 -23.03 -2.08
CA LEU D 204 26.41 -22.62 -2.56
C LEU D 204 26.50 -21.12 -2.77
N ILE D 205 25.43 -20.53 -3.30
CA ILE D 205 25.39 -19.08 -3.43
C ILE D 205 25.29 -18.40 -2.06
N ASP D 206 24.57 -19.02 -1.12
CA ASP D 206 24.50 -18.49 0.25
C ASP D 206 25.87 -18.47 0.91
N ALA D 207 26.66 -19.52 0.68
CA ALA D 207 27.99 -19.67 1.29
C ALA D 207 28.97 -18.59 0.86
N CYS D 208 28.78 -18.04 -0.33
CA CYS D 208 29.62 -16.95 -0.83
C CYS D 208 29.50 -15.69 0.01
N THR D 209 28.38 -15.56 0.72
CA THR D 209 28.03 -14.31 1.39
C THR D 209 28.43 -14.32 2.87
N ARG D 210 29.10 -15.38 3.29
CA ARG D 210 29.29 -15.64 4.73
C ARG D 210 30.51 -15.01 5.38
N LEU D 211 31.38 -14.35 4.60
CA LEU D 211 32.53 -13.68 5.19
C LEU D 211 32.87 -12.35 4.52
N THR D 212 33.13 -11.36 5.37
CA THR D 212 33.67 -10.07 4.97
C THR D 212 34.92 -9.83 5.83
N PRO D 213 35.93 -9.11 5.30
CA PRO D 213 37.12 -8.76 6.09
C PRO D 213 36.79 -8.22 7.49
N ASP D 214 35.57 -7.71 7.67
CA ASP D 214 35.15 -7.09 8.91
C ASP D 214 33.90 -7.74 9.50
N LEU D 215 33.82 -9.07 9.45
CA LEU D 215 32.68 -9.80 9.99
C LEU D 215 32.61 -9.73 11.52
N PHE D 216 33.77 -9.61 12.16
CA PHE D 216 33.84 -9.61 13.63
C PHE D 216 33.17 -8.39 14.29
N ASP D 217 32.68 -7.47 13.46
CA ASP D 217 31.97 -6.29 13.93
C ASP D 217 30.46 -6.39 13.65
N PHE D 218 30.08 -7.43 12.90
CA PHE D 218 28.68 -7.66 12.54
C PHE D 218 27.78 -8.04 13.73
N SER D 219 28.36 -8.69 14.74
CA SER D 219 27.58 -9.27 15.85
C SER D 219 26.83 -8.22 16.69
N SER D 220 25.72 -8.63 17.31
CA SER D 220 24.97 -7.77 18.21
C SER D 220 24.69 -8.47 19.54
N ASP D 221 24.63 -7.68 20.62
CA ASP D 221 24.34 -8.19 21.96
C ASP D 221 22.88 -8.59 22.15
N SER D 222 22.02 -8.20 21.20
CA SER D 222 20.60 -8.56 21.22
C SER D 222 20.29 -9.81 20.38
N GLY D 223 21.30 -10.33 19.69
CA GLY D 223 21.11 -11.51 18.85
C GLY D 223 20.19 -11.27 17.66
N VAL D 224 20.06 -10.00 17.27
CA VAL D 224 19.25 -9.62 16.12
C VAL D 224 19.98 -9.98 14.82
N PHE D 225 19.21 -10.57 13.92
CA PHE D 225 19.71 -11.10 12.65
C PHE D 225 19.94 -10.02 11.59
N TRP D 226 20.93 -10.26 10.72
CA TRP D 226 21.21 -9.43 9.57
C TRP D 226 20.70 -10.10 8.30
N ALA D 227 19.51 -9.69 7.85
CA ALA D 227 18.89 -10.28 6.67
C ALA D 227 19.26 -9.58 5.36
N PRO D 228 19.62 -10.36 4.33
CA PRO D 228 19.77 -9.87 2.95
C PRO D 228 18.57 -9.06 2.54
N TRP D 229 18.82 -7.86 2.00
CA TRP D 229 17.77 -6.88 1.68
C TRP D 229 17.72 -6.56 0.19
N ARG D 230 18.89 -6.33 -0.40
CA ARG D 230 19.01 -6.15 -1.86
C ARG D 230 20.39 -6.45 -2.41
N VAL D 231 20.43 -6.79 -3.69
CA VAL D 231 21.68 -6.99 -4.42
C VAL D 231 21.56 -6.25 -5.76
N LYS D 232 22.56 -5.44 -6.08
CA LYS D 232 22.53 -4.63 -7.28
C LYS D 232 22.74 -5.48 -8.54
N GLU D 233 23.77 -6.32 -8.51
CA GLU D 233 24.09 -7.16 -9.66
C GLU D 233 24.67 -8.50 -9.23
N MSE D 234 24.25 -9.55 -9.92
CA MSE D 234 24.85 -10.86 -9.74
C MSE D 234 25.07 -11.49 -11.10
O MSE D 234 24.17 -11.60 -11.92
CB MSE D 234 23.97 -11.75 -8.87
CG MSE D 234 24.74 -12.88 -8.15
SE MSE D 234 24.94 -14.53 -9.19
CE MSE D 234 26.46 -15.32 -8.27
N THR D 235 26.31 -11.88 -11.33
CA THR D 235 26.76 -12.35 -12.62
C THR D 235 27.29 -13.79 -12.48
N LEU D 236 26.99 -14.65 -13.43
CA LEU D 236 27.56 -16.00 -13.45
C LEU D 236 27.85 -16.48 -14.86
N SER D 237 29.07 -16.94 -15.07
CA SER D 237 29.62 -17.25 -16.38
C SER D 237 29.33 -18.69 -16.77
N HIS D 238 29.52 -19.60 -15.81
CA HIS D 238 29.23 -21.02 -16.01
C HIS D 238 28.94 -21.71 -14.67
N PRO D 239 28.48 -22.98 -14.72
CA PRO D 239 28.19 -23.77 -13.51
C PRO D 239 29.35 -23.80 -12.53
N THR D 240 29.04 -23.76 -11.24
CA THR D 240 30.04 -23.89 -10.18
C THR D 240 30.75 -25.25 -10.24
N PRO D 241 32.09 -25.26 -10.17
CA PRO D 241 32.79 -26.54 -10.02
C PRO D 241 32.59 -27.12 -8.63
N SER D 242 33.07 -28.33 -8.42
CA SER D 242 32.92 -29.03 -7.14
C SER D 242 33.52 -28.23 -5.98
N ARG D 243 34.62 -27.54 -6.28
CA ARG D 243 35.29 -26.68 -5.32
C ARG D 243 35.63 -25.34 -5.96
N PHE D 244 35.32 -24.25 -5.27
CA PHE D 244 35.65 -22.91 -5.72
C PHE D 244 35.80 -21.95 -4.54
N TYR D 245 36.02 -20.67 -4.82
CA TYR D 245 36.38 -19.69 -3.80
C TYR D 245 35.49 -18.46 -3.83
N ALA D 246 35.30 -17.84 -2.67
CA ALA D 246 34.61 -16.57 -2.56
C ALA D 246 35.58 -15.53 -2.01
N TYR D 247 35.81 -14.48 -2.80
CA TYR D 247 36.83 -13.48 -2.52
C TYR D 247 36.19 -12.11 -2.31
N VAL D 248 36.50 -11.48 -1.17
CA VAL D 248 36.04 -10.13 -0.88
C VAL D 248 37.25 -9.20 -0.79
N GLU D 249 37.28 -8.17 -1.63
CA GLU D 249 38.49 -7.33 -1.79
C GLU D 249 38.53 -6.12 -0.86
N GLU D 250 37.36 -5.67 -0.41
CA GLU D 250 37.24 -4.48 0.43
C GLU D 250 36.30 -4.75 1.61
N PRO D 251 36.55 -4.12 2.77
CA PRO D 251 35.64 -4.20 3.93
C PRO D 251 34.25 -3.68 3.59
N SER D 252 33.24 -4.16 4.30
CA SER D 252 31.86 -3.83 3.97
C SER D 252 31.53 -2.37 4.26
N ARG D 253 30.84 -1.74 3.31
CA ARG D 253 30.42 -0.35 3.44
C ARG D 253 29.24 -0.27 4.39
N VAL D 254 29.31 0.67 5.34
CA VAL D 254 28.34 0.73 6.43
C VAL D 254 27.46 1.97 6.35
N ASN D 255 26.15 1.72 6.30
CA ASN D 255 25.14 2.76 6.41
C ASN D 255 24.38 2.55 7.72
N GLU D 256 24.86 3.20 8.78
CA GLU D 256 24.34 3.02 10.14
C GLU D 256 22.85 3.35 10.27
N GLN D 257 22.40 4.38 9.54
CA GLN D 257 21.02 4.85 9.64
C GLN D 257 20.00 3.85 9.10
N LEU D 258 20.09 3.51 7.81
CA LEU D 258 19.26 2.46 7.23
C LEU D 258 19.51 1.12 7.91
N GLN D 259 20.59 1.07 8.70
CA GLN D 259 21.10 -0.16 9.34
C GLN D 259 21.46 -1.20 8.28
N THR D 260 22.27 -0.77 7.30
CA THR D 260 22.55 -1.58 6.13
C THR D 260 24.04 -1.63 5.77
N ARG D 261 24.60 -2.83 5.89
CA ARG D 261 25.97 -3.12 5.47
C ARG D 261 25.94 -3.72 4.06
N SER D 262 26.86 -3.27 3.20
CA SER D 262 26.90 -3.74 1.80
C SER D 262 28.31 -4.17 1.43
N TYR D 263 28.42 -5.18 0.55
CA TYR D 263 29.72 -5.65 0.10
C TYR D 263 29.68 -6.43 -1.21
N ASP D 264 30.87 -6.77 -1.71
CA ASP D 264 31.03 -7.39 -3.01
C ASP D 264 31.77 -8.71 -2.88
N ILE D 265 31.36 -9.69 -3.68
CA ILE D 265 31.99 -11.00 -3.66
C ILE D 265 32.39 -11.44 -5.06
N GLN D 266 33.64 -11.86 -5.21
CA GLN D 266 34.13 -12.45 -6.46
C GLN D 266 34.13 -13.97 -6.34
N LEU D 267 33.58 -14.64 -7.35
CA LEU D 267 33.57 -16.10 -7.40
C LEU D 267 34.71 -16.61 -8.27
N LEU D 268 35.64 -17.34 -7.66
CA LEU D 268 36.85 -17.82 -8.34
C LEU D 268 36.88 -19.33 -8.40
N ASP D 269 37.24 -19.89 -9.55
CA ASP D 269 37.32 -21.35 -9.71
C ASP D 269 38.58 -21.94 -9.05
N GLU D 270 38.85 -23.22 -9.31
CA GLU D 270 39.97 -23.92 -8.68
C GLU D 270 41.35 -23.33 -9.03
N THR D 271 41.47 -22.77 -10.23
CA THR D 271 42.72 -22.14 -10.70
C THR D 271 42.92 -20.75 -10.09
N GLY D 272 41.81 -20.09 -9.73
CA GLY D 272 41.85 -18.72 -9.24
C GLY D 272 41.26 -17.74 -10.23
N GLN D 273 40.68 -18.28 -11.31
CA GLN D 273 40.03 -17.46 -12.33
C GLN D 273 38.60 -17.13 -11.93
N ALA D 274 38.21 -15.88 -12.12
CA ALA D 274 36.85 -15.45 -11.81
C ALA D 274 35.84 -15.99 -12.82
N PHE D 275 34.67 -16.40 -12.34
CA PHE D 275 33.61 -16.86 -13.22
C PHE D 275 32.25 -16.31 -12.79
N GLY D 276 32.25 -15.47 -11.76
CA GLY D 276 31.02 -14.85 -11.29
C GLY D 276 31.25 -13.79 -10.24
N ARG D 277 30.27 -12.91 -10.06
CA ARG D 277 30.35 -11.80 -9.13
C ARG D 277 29.01 -11.55 -8.45
N ILE D 278 29.07 -11.10 -7.19
CA ILE D 278 27.91 -10.54 -6.50
C ILE D 278 28.26 -9.12 -6.10
N ASN D 279 27.58 -8.14 -6.71
CA ASN D 279 27.84 -6.74 -6.42
C ASN D 279 26.76 -6.12 -5.56
N GLY D 280 27.18 -5.39 -4.52
CA GLY D 280 26.27 -4.61 -3.71
C GLY D 280 25.34 -5.45 -2.87
N PHE D 281 25.86 -6.56 -2.35
CA PHE D 281 25.12 -7.46 -1.45
C PHE D 281 24.86 -6.76 -0.13
N THR D 282 23.60 -6.38 0.08
CA THR D 282 23.22 -5.56 1.23
C THR D 282 22.42 -6.35 2.25
N VAL D 283 22.89 -6.34 3.50
CA VAL D 283 22.10 -6.88 4.60
C VAL D 283 21.56 -5.76 5.47
N LYS D 284 20.44 -6.03 6.14
CA LYS D 284 19.77 -5.05 6.98
C LYS D 284 19.29 -5.73 8.26
N ARG D 285 19.42 -5.05 9.39
CA ARG D 285 18.97 -5.58 10.67
C ARG D 285 17.47 -5.91 10.64
N ALA D 286 17.15 -7.11 11.11
CA ALA D 286 15.78 -7.59 11.13
C ALA D 286 15.49 -8.35 12.42
N PRO D 287 14.93 -7.66 13.43
CA PRO D 287 14.47 -8.32 14.66
C PRO D 287 13.38 -9.35 14.38
N SER D 288 13.32 -10.39 15.22
CA SER D 288 12.42 -11.53 15.03
C SER D 288 10.94 -11.14 14.87
N GLN D 289 10.48 -10.19 15.67
CA GLN D 289 9.12 -9.71 15.61
C GLN D 289 8.74 -9.17 14.23
N LEU D 290 9.65 -8.45 13.60
CA LEU D 290 9.46 -7.94 12.24
C LEU D 290 9.74 -9.00 11.18
N PHE D 291 10.82 -9.76 11.37
CA PHE D 291 11.32 -10.69 10.36
C PHE D 291 10.39 -11.89 10.11
N LEU D 292 9.89 -12.50 11.18
CA LEU D 292 9.05 -13.71 11.05
C LEU D 292 7.56 -13.41 11.20
N LYS D 293 7.15 -12.25 10.71
CA LYS D 293 5.74 -11.83 10.71
C LYS D 293 5.44 -11.05 9.44
#